data_6U8C
#
_entry.id   6U8C
#
_cell.length_a   75.130
_cell.length_b   75.130
_cell.length_c   340.050
_cell.angle_alpha   90.000
_cell.angle_beta   90.000
_cell.angle_gamma   120.000
#
_symmetry.space_group_name_H-M   'P 32 2 1'
#
loop_
_entity.id
_entity.type
_entity.pdbx_description
1 polymer 'Protein G'
2 polymer 'Antibody light chain Fab'
3 polymer 'Antibody heavy chain Fab'
4 water water
#
loop_
_entity_poly.entity_id
_entity_poly.type
_entity_poly.pdbx_seq_one_letter_code
_entity_poly.pdbx_strand_id
1 'polypeptide(L)' TPAVTTYKLVINGRTLSGYTTTTAVDAATAEKVFKQYAYVHEVDGEWTYDDATKTFTVTEKPEKLGG A,B
2 'polypeptide(L)'
;SDIQMTQSPSSLSASVGDRVTITCRASQSVSSAVAWYQQKPGKAPKLLIYSASSLYSGVPSRFSGSRSGTDFTLTISSLQ
PEDFATYYCQQASLTALLTFGQGTKVEIKRTVAAPSVFIFPPSDLRTGTASVVCLLNNFYPREAKVQWKVDNALQSGNSQ
ESVTEQDSKDSTYSLSSTLTLSKADYEKHKVYACEVTHQGLSSPVTKSFNRGEC
;
C,L
3 'polypeptide(L)'
;EISEVQLVESGGGLVQPGGSLRLSCAASGFNLSSSSIHWVRQAPGKGLEWVASIYSYYGSTSYADSVKGRFTISADTSKN
TAYLQMNSLRAEDTAVYYCAREYHSYWSYSWWPRVGLDYWGQGTLVTVSSASTKGPSVFPLAPSSKSTSGGTAALGCLVK
DYFPEPVTVSWNSGALTSGVHTFPAVLQSSGLYSLSSVVTVPSSSLGTQTYICNVNHKPSNTKVDKKVEPKSCDKTHT
;
D,H
#
# COMPACT_ATOMS: atom_id res chain seq x y z
N VAL A 4 5.45 -24.66 -30.58
CA VAL A 4 4.73 -24.20 -31.76
C VAL A 4 5.53 -23.14 -32.49
N THR A 5 4.90 -22.47 -33.46
CA THR A 5 5.52 -21.38 -34.19
C THR A 5 4.54 -20.20 -34.19
N THR A 6 4.99 -19.07 -34.72
CA THR A 6 4.26 -17.82 -34.64
C THR A 6 3.77 -17.39 -36.02
N TYR A 7 2.52 -16.94 -36.05
CA TYR A 7 1.90 -16.38 -37.24
C TYR A 7 1.79 -14.87 -37.09
N LYS A 8 1.40 -14.20 -38.18
CA LYS A 8 1.51 -12.76 -38.30
C LYS A 8 0.31 -12.25 -39.08
N LEU A 9 -0.31 -11.18 -38.60
CA LEU A 9 -1.42 -10.55 -39.31
C LEU A 9 -1.02 -9.15 -39.74
N VAL A 10 -1.06 -8.90 -41.04
CA VAL A 10 -0.89 -7.56 -41.59
C VAL A 10 -2.28 -6.98 -41.81
N ILE A 11 -2.53 -5.82 -41.23
CA ILE A 11 -3.86 -5.19 -41.25
C ILE A 11 -3.74 -3.81 -41.85
N ASN A 12 -4.53 -3.54 -42.89
CA ASN A 12 -4.56 -2.24 -43.55
C ASN A 12 -6.02 -1.87 -43.79
N GLY A 13 -6.65 -1.29 -42.76
CA GLY A 13 -8.00 -0.79 -42.85
C GLY A 13 -8.02 0.72 -42.96
N ARG A 14 -9.23 1.28 -42.83
CA ARG A 14 -9.39 2.73 -42.88
C ARG A 14 -8.75 3.39 -41.65
N THR A 15 -9.15 2.95 -40.45
CA THR A 15 -8.71 3.58 -39.22
C THR A 15 -7.56 2.84 -38.54
N LEU A 16 -7.48 1.52 -38.70
CA LEU A 16 -6.44 0.72 -38.07
C LEU A 16 -5.46 0.22 -39.12
N SER A 17 -4.17 0.28 -38.79
CA SER A 17 -3.11 -0.17 -39.68
C SER A 17 -1.94 -0.60 -38.81
N GLY A 18 -1.42 -1.80 -39.07
CA GLY A 18 -0.28 -2.29 -38.31
C GLY A 18 -0.10 -3.78 -38.50
N TYR A 19 0.53 -4.41 -37.52
CA TYR A 19 0.73 -5.85 -37.54
C TYR A 19 0.82 -6.36 -36.12
N THR A 20 0.17 -7.51 -35.86
CA THR A 20 0.29 -8.20 -34.60
C THR A 20 0.61 -9.66 -34.86
N THR A 21 0.75 -10.42 -33.77
CA THR A 21 1.21 -11.79 -33.83
C THR A 21 0.43 -12.62 -32.81
N THR A 22 0.60 -13.92 -32.90
CA THR A 22 0.41 -14.81 -31.77
C THR A 22 0.82 -16.22 -32.19
N THR A 23 0.99 -17.08 -31.20
CA THR A 23 1.40 -18.46 -31.41
C THR A 23 0.20 -19.38 -31.41
N ALA A 24 0.36 -20.52 -32.09
CA ALA A 24 -0.71 -21.49 -32.25
C ALA A 24 -0.13 -22.72 -32.95
N VAL A 25 -0.84 -23.83 -32.83
CA VAL A 25 -0.36 -25.07 -33.44
C VAL A 25 -0.58 -25.05 -34.95
N ASP A 26 -1.80 -24.73 -35.38
CA ASP A 26 -2.13 -24.66 -36.80
C ASP A 26 -2.51 -23.23 -37.18
N ALA A 27 -2.24 -22.88 -38.43
CA ALA A 27 -2.70 -21.59 -38.96
C ALA A 27 -4.19 -21.40 -38.72
N ALA A 28 -4.99 -22.44 -38.93
CA ALA A 28 -6.44 -22.33 -38.75
C ALA A 28 -6.79 -21.86 -37.34
N THR A 29 -5.96 -22.19 -36.36
CA THR A 29 -6.20 -21.72 -34.99
C THR A 29 -5.81 -20.26 -34.83
N ALA A 30 -4.65 -19.87 -35.36
CA ALA A 30 -4.29 -18.46 -35.41
C ALA A 30 -5.26 -17.66 -36.27
N GLU A 31 -6.06 -18.33 -37.10
CA GLU A 31 -7.05 -17.64 -37.91
C GLU A 31 -8.19 -17.14 -37.04
N LYS A 32 -8.73 -18.01 -36.18
CA LYS A 32 -9.82 -17.59 -35.31
C LYS A 32 -9.38 -16.53 -34.31
N VAL A 33 -8.14 -16.61 -33.83
CA VAL A 33 -7.60 -15.56 -32.97
C VAL A 33 -7.50 -14.25 -33.74
N PHE A 34 -6.88 -14.28 -34.92
CA PHE A 34 -6.72 -13.06 -35.69
C PHE A 34 -8.09 -12.52 -36.09
N LYS A 35 -9.04 -13.42 -36.32
CA LYS A 35 -10.36 -13.01 -36.79
C LYS A 35 -11.10 -12.20 -35.72
N GLN A 36 -11.25 -12.77 -34.53
CA GLN A 36 -11.92 -12.05 -33.45
C GLN A 36 -11.24 -10.72 -33.17
N TYR A 37 -9.91 -10.68 -33.29
CA TYR A 37 -9.18 -9.42 -33.19
C TYR A 37 -9.72 -8.40 -34.19
N ALA A 38 -9.97 -8.83 -35.43
CA ALA A 38 -10.53 -7.92 -36.42
C ALA A 38 -11.95 -7.51 -36.06
N TYR A 39 -12.83 -8.49 -35.83
CA TYR A 39 -14.23 -8.20 -35.55
C TYR A 39 -14.39 -7.13 -34.48
N VAL A 40 -13.62 -7.23 -33.39
CA VAL A 40 -13.79 -6.31 -32.28
C VAL A 40 -13.22 -4.93 -32.60
N HIS A 41 -12.30 -4.84 -33.55
CA HIS A 41 -11.76 -3.55 -33.98
C HIS A 41 -12.51 -2.99 -35.17
N GLU A 42 -13.59 -3.64 -35.60
CA GLU A 42 -14.39 -3.18 -36.72
C GLU A 42 -13.57 -3.10 -38.01
N VAL A 43 -12.88 -4.19 -38.33
CA VAL A 43 -12.17 -4.34 -39.59
C VAL A 43 -12.80 -5.50 -40.34
N ASP A 44 -13.40 -5.20 -41.49
CA ASP A 44 -14.13 -6.17 -42.29
C ASP A 44 -13.70 -6.00 -43.74
N GLY A 45 -12.93 -6.95 -44.25
CA GLY A 45 -12.42 -6.86 -45.60
C GLY A 45 -11.97 -8.18 -46.16
N GLU A 46 -11.17 -8.10 -47.22
CA GLU A 46 -10.71 -9.25 -47.97
C GLU A 46 -9.57 -9.90 -47.22
N TRP A 47 -9.80 -11.14 -46.73
CA TRP A 47 -8.73 -11.85 -46.07
C TRP A 47 -7.92 -12.63 -47.10
N THR A 48 -6.60 -12.68 -46.90
CA THR A 48 -5.70 -13.41 -47.76
C THR A 48 -4.59 -14.00 -46.89
N TYR A 49 -4.33 -15.29 -47.05
CA TYR A 49 -3.32 -15.97 -46.26
C TYR A 49 -2.06 -16.20 -47.11
N ASP A 50 -0.91 -16.16 -46.45
CA ASP A 50 0.37 -16.47 -47.06
C ASP A 50 1.09 -17.46 -46.18
N ASP A 51 1.31 -18.67 -46.69
CA ASP A 51 1.86 -19.75 -45.88
C ASP A 51 3.38 -19.81 -45.91
N ALA A 52 4.00 -19.30 -46.98
CA ALA A 52 5.46 -19.23 -47.00
C ALA A 52 5.99 -18.24 -45.96
N THR A 53 5.15 -17.29 -45.53
CA THR A 53 5.52 -16.34 -44.49
C THR A 53 4.69 -16.52 -43.22
N LYS A 54 3.68 -17.39 -43.23
CA LYS A 54 2.81 -17.60 -42.07
C LYS A 54 2.13 -16.30 -41.65
N THR A 55 1.66 -15.54 -42.63
CA THR A 55 1.09 -14.22 -42.37
C THR A 55 -0.27 -14.08 -43.03
N PHE A 56 -1.29 -13.79 -42.23
CA PHE A 56 -2.60 -13.44 -42.72
C PHE A 56 -2.63 -11.95 -43.07
N THR A 57 -3.57 -11.59 -43.94
CA THR A 57 -3.71 -10.21 -44.38
C THR A 57 -5.18 -9.86 -44.52
N VAL A 58 -5.62 -8.83 -43.80
CA VAL A 58 -6.95 -8.26 -43.95
C VAL A 58 -6.78 -6.86 -44.54
N THR A 59 -7.41 -6.64 -45.69
CA THR A 59 -7.35 -5.36 -46.40
C THR A 59 -8.76 -4.80 -46.56
N GLU A 60 -8.88 -3.48 -46.45
CA GLU A 60 -10.15 -2.80 -46.71
C GLU A 60 -10.02 -1.88 -47.92
N ALA B 3 16.06 -21.49 29.95
CA ALA B 3 14.92 -20.98 30.70
C ALA B 3 15.39 -20.10 31.85
N VAL B 4 14.78 -18.93 32.00
CA VAL B 4 15.16 -17.99 33.04
C VAL B 4 13.93 -17.65 33.87
N THR B 5 14.02 -16.56 34.64
CA THR B 5 12.96 -16.21 35.58
C THR B 5 12.39 -14.83 35.28
N THR B 6 11.26 -14.55 35.94
CA THR B 6 10.52 -13.31 35.76
C THR B 6 10.54 -12.52 37.05
N TYR B 7 10.90 -11.25 36.96
CA TYR B 7 10.83 -10.33 38.08
C TYR B 7 9.74 -9.29 37.83
N LYS B 8 9.43 -8.52 38.88
CA LYS B 8 8.27 -7.64 38.86
C LYS B 8 8.61 -6.38 39.63
N LEU B 9 8.28 -5.23 39.09
CA LEU B 9 8.48 -3.97 39.81
C LEU B 9 7.14 -3.28 40.04
N VAL B 10 6.78 -3.11 41.28
CA VAL B 10 5.62 -2.33 41.72
C VAL B 10 6.09 -0.90 41.96
N ILE B 11 5.35 0.06 41.40
CA ILE B 11 5.76 1.46 41.41
C ILE B 11 4.67 2.28 42.08
N ASN B 12 5.06 3.08 43.08
CA ASN B 12 4.16 3.94 43.85
C ASN B 12 4.80 5.32 43.95
N GLY B 13 4.67 6.13 42.89
CA GLY B 13 5.17 7.45 42.86
C GLY B 13 4.09 8.51 43.00
N ARG B 14 4.49 9.77 42.81
CA ARG B 14 3.56 10.88 42.85
C ARG B 14 2.62 10.83 41.64
N THR B 15 3.19 10.84 40.44
CA THR B 15 2.41 10.88 39.21
C THR B 15 2.27 9.52 38.54
N LEU B 16 3.27 8.64 38.68
CA LEU B 16 3.25 7.32 38.06
C LEU B 16 3.05 6.24 39.11
N SER B 17 2.19 5.28 38.80
CA SER B 17 1.88 4.19 39.72
C SER B 17 1.42 2.98 38.91
N GLY B 18 2.00 1.82 39.19
CA GLY B 18 1.60 0.61 38.49
C GLY B 18 2.60 -0.51 38.72
N TYR B 19 2.63 -1.44 37.77
CA TYR B 19 3.54 -2.57 37.84
C TYR B 19 3.88 -3.02 36.43
N THR B 20 5.16 -3.35 36.22
CA THR B 20 5.60 -3.90 34.94
C THR B 20 6.38 -5.19 35.14
N THR B 21 6.96 -5.70 34.06
CA THR B 21 7.52 -7.04 34.03
C THR B 21 8.89 -7.02 33.38
N THR B 22 9.58 -8.15 33.51
CA THR B 22 10.60 -8.57 32.54
C THR B 22 11.25 -9.86 33.02
N THR B 23 11.91 -10.54 32.10
CA THR B 23 12.66 -11.77 32.37
C THR B 23 14.14 -11.45 32.41
N ALA B 24 14.89 -12.29 33.12
CA ALA B 24 16.31 -12.01 33.27
C ALA B 24 16.99 -13.17 33.98
N VAL B 25 18.33 -13.18 33.90
CA VAL B 25 19.11 -14.24 34.51
C VAL B 25 19.22 -14.04 36.01
N ASP B 26 19.63 -12.85 36.43
CA ASP B 26 19.78 -12.50 37.84
C ASP B 26 18.84 -11.37 38.20
N ALA B 27 18.41 -11.34 39.46
CA ALA B 27 17.70 -10.18 39.96
C ALA B 27 18.49 -8.91 39.66
N ALA B 28 19.82 -8.97 39.85
CA ALA B 28 20.67 -7.81 39.58
C ALA B 28 20.54 -7.34 38.14
N THR B 29 20.27 -8.26 37.21
CA THR B 29 20.00 -7.85 35.84
C THR B 29 18.59 -7.26 35.77
N ALA B 30 17.63 -7.93 36.39
CA ALA B 30 16.33 -7.34 36.67
C ALA B 30 16.43 -6.13 37.61
N GLU B 31 17.59 -5.83 38.16
CA GLU B 31 17.70 -4.54 38.84
C GLU B 31 17.96 -3.40 37.85
N LYS B 32 18.96 -3.56 36.97
CA LYS B 32 19.31 -2.53 35.99
C LYS B 32 18.15 -2.31 35.03
N VAL B 33 17.39 -3.37 34.83
CA VAL B 33 16.16 -3.34 34.03
C VAL B 33 15.16 -2.30 34.52
N PHE B 34 14.83 -2.33 35.80
CA PHE B 34 13.74 -1.60 36.41
C PHE B 34 14.21 -0.24 36.74
N LYS B 35 15.51 -0.11 37.03
CA LYS B 35 16.04 1.17 37.45
C LYS B 35 15.97 2.19 36.32
N GLN B 36 16.59 1.88 35.18
CA GLN B 36 16.54 2.82 34.06
C GLN B 36 15.09 3.11 33.67
N TYR B 37 14.21 2.11 33.78
CA TYR B 37 12.78 2.36 33.61
C TYR B 37 12.32 3.47 34.54
N ALA B 38 12.78 3.45 35.78
CA ALA B 38 12.47 4.53 36.72
C ALA B 38 13.14 5.83 36.28
N TYR B 39 14.46 5.78 36.08
CA TYR B 39 15.21 6.98 35.71
C TYR B 39 14.55 7.72 34.55
N VAL B 40 14.10 6.97 33.55
CA VAL B 40 13.52 7.62 32.36
C VAL B 40 12.15 8.20 32.64
N HIS B 41 11.45 7.71 33.66
CA HIS B 41 10.16 8.24 34.06
C HIS B 41 10.27 9.28 35.17
N GLU B 42 11.50 9.58 35.59
CA GLU B 42 11.83 10.51 36.70
C GLU B 42 11.16 10.03 38.01
N VAL B 43 11.43 8.79 38.37
CA VAL B 43 11.01 8.18 39.62
C VAL B 43 12.30 7.93 40.41
N ASP B 44 12.42 8.60 41.54
CA ASP B 44 13.61 8.52 42.39
C ASP B 44 13.13 8.36 43.83
N GLY B 45 13.29 7.16 44.38
CA GLY B 45 12.81 6.90 45.71
C GLY B 45 13.45 5.71 46.35
N GLU B 46 12.84 5.25 47.45
CA GLU B 46 13.40 4.16 48.25
C GLU B 46 13.03 2.82 47.62
N TRP B 47 14.01 2.13 47.08
CA TRP B 47 13.76 0.79 46.53
C TRP B 47 13.87 -0.28 47.61
N THR B 48 13.00 -1.28 47.50
CA THR B 48 12.96 -2.41 48.39
C THR B 48 12.70 -3.66 47.54
N TYR B 49 13.54 -4.67 47.72
CA TYR B 49 13.41 -5.92 46.99
C TYR B 49 12.92 -7.04 47.91
N ASP B 50 12.11 -7.93 47.33
CA ASP B 50 11.67 -9.14 47.99
C ASP B 50 11.87 -10.29 47.01
N ASP B 51 12.70 -11.26 47.39
CA ASP B 51 13.09 -12.33 46.50
C ASP B 51 12.15 -13.52 46.54
N ALA B 52 11.39 -13.69 47.62
CA ALA B 52 10.38 -14.75 47.65
C ALA B 52 9.29 -14.49 46.61
N THR B 53 9.12 -13.23 46.19
CA THR B 53 8.19 -12.88 45.13
C THR B 53 8.88 -12.36 43.88
N LYS B 54 10.20 -12.16 43.93
CA LYS B 54 10.94 -11.63 42.79
C LYS B 54 10.41 -10.26 42.37
N THR B 55 10.11 -9.41 43.35
CA THR B 55 9.48 -8.13 43.07
C THR B 55 10.25 -7.01 43.74
N PHE B 56 10.69 -6.06 42.92
CA PHE B 56 11.25 -4.81 43.40
C PHE B 56 10.13 -3.81 43.66
N THR B 57 10.41 -2.84 44.53
CA THR B 57 9.44 -1.81 44.87
C THR B 57 10.20 -0.50 45.05
N VAL B 58 9.82 0.52 44.28
CA VAL B 58 10.37 1.86 44.41
C VAL B 58 9.28 2.76 44.97
N THR B 59 9.59 3.45 46.06
CA THR B 59 8.63 4.30 46.75
C THR B 59 9.05 5.75 46.69
N GLU B 60 8.11 6.63 46.39
CA GLU B 60 8.35 8.07 46.43
C GLU B 60 7.38 8.72 47.42
N SER C 8 -4.80 -3.40 1.14
CA SER C 8 -5.30 -2.05 1.40
C SER C 8 -6.76 -1.94 1.01
N PRO C 9 -7.61 -1.44 1.90
CA PRO C 9 -9.03 -1.33 1.57
C PRO C 9 -9.33 -0.09 0.73
N SER C 10 -10.29 -0.25 -0.17
CA SER C 10 -10.86 0.89 -0.87
C SER C 10 -11.82 1.66 0.03
N SER C 11 -12.06 2.92 -0.33
CA SER C 11 -12.94 3.81 0.43
C SER C 11 -13.96 4.43 -0.50
N LEU C 12 -15.12 4.78 0.06
CA LEU C 12 -16.12 5.57 -0.64
C LEU C 12 -16.96 6.30 0.38
N SER C 13 -17.69 7.31 -0.09
CA SER C 13 -18.50 8.16 0.78
C SER C 13 -19.95 8.17 0.30
N ALA C 14 -20.87 8.12 1.26
CA ALA C 14 -22.29 8.08 0.94
C ALA C 14 -23.08 8.47 2.18
N SER C 15 -24.20 9.14 1.96
CA SER C 15 -25.10 9.57 3.02
C SER C 15 -26.26 8.60 3.17
N VAL C 16 -26.94 8.69 4.31
CA VAL C 16 -28.10 7.84 4.56
C VAL C 16 -29.07 7.99 3.39
N GLY C 17 -29.58 6.85 2.91
CA GLY C 17 -30.54 6.85 1.83
C GLY C 17 -29.94 6.60 0.47
N ASP C 18 -28.62 6.68 0.34
CA ASP C 18 -27.98 6.53 -0.95
C ASP C 18 -27.94 5.06 -1.36
N ARG C 19 -27.93 4.83 -2.67
CA ARG C 19 -27.84 3.50 -3.24
C ARG C 19 -26.38 3.20 -3.56
N VAL C 20 -25.90 2.05 -3.12
CA VAL C 20 -24.50 1.66 -3.30
C VAL C 20 -24.47 0.22 -3.78
N THR C 21 -23.73 -0.03 -4.86
CA THR C 21 -23.59 -1.38 -5.42
C THR C 21 -22.11 -1.73 -5.51
N ILE C 22 -21.66 -2.62 -4.63
CA ILE C 22 -20.29 -3.12 -4.66
C ILE C 22 -20.21 -4.30 -5.61
N THR C 23 -19.20 -4.30 -6.47
CA THR C 23 -18.99 -5.34 -7.47
C THR C 23 -17.82 -6.22 -7.07
N CYS C 24 -17.90 -7.48 -7.47
CA CYS C 24 -16.80 -8.42 -7.26
C CYS C 24 -16.67 -9.28 -8.51
N ARG C 25 -15.46 -9.33 -9.08
N ARG C 25 -15.46 -9.30 -9.08
CA ARG C 25 -15.20 -10.09 -10.28
CA ARG C 25 -15.16 -10.06 -10.29
C ARG C 25 -13.91 -10.89 -10.12
C ARG C 25 -13.92 -10.90 -10.06
N ALA C 26 -13.94 -12.14 -10.57
CA ALA C 26 -12.80 -13.03 -10.50
C ALA C 26 -12.47 -13.51 -11.92
N SER C 27 -11.18 -13.77 -12.15
CA SER C 27 -10.71 -14.06 -13.48
C SER C 27 -11.43 -15.25 -14.11
N GLN C 28 -12.00 -16.14 -13.31
CA GLN C 28 -12.53 -17.39 -13.83
C GLN C 28 -14.02 -17.49 -13.51
N SER C 29 -14.59 -18.65 -13.84
CA SER C 29 -16.02 -18.90 -13.61
C SER C 29 -16.21 -19.32 -12.15
N VAL C 30 -16.84 -18.47 -11.37
CA VAL C 30 -17.12 -18.74 -9.96
C VAL C 30 -18.60 -19.07 -9.84
N SER C 31 -19.15 -19.74 -10.86
CA SER C 31 -20.51 -20.27 -10.79
C SER C 31 -21.43 -19.23 -10.17
N SER C 32 -22.02 -19.57 -9.02
CA SER C 32 -22.76 -18.63 -8.20
C SER C 32 -22.14 -18.47 -6.82
N ALA C 33 -21.06 -19.18 -6.53
CA ALA C 33 -20.48 -19.29 -5.19
C ALA C 33 -19.70 -18.02 -4.86
N VAL C 34 -20.45 -16.96 -4.59
CA VAL C 34 -19.90 -15.66 -4.21
C VAL C 34 -20.55 -15.26 -2.89
N ALA C 35 -19.73 -14.99 -1.88
CA ALA C 35 -20.19 -14.62 -0.56
C ALA C 35 -19.73 -13.21 -0.23
N TRP C 36 -20.55 -12.50 0.53
CA TRP C 36 -20.30 -11.11 0.89
C TRP C 36 -20.26 -11.00 2.41
N TYR C 37 -19.34 -10.18 2.91
CA TYR C 37 -19.08 -10.05 4.33
C TYR C 37 -19.09 -8.59 4.72
N GLN C 38 -19.37 -8.34 6.00
CA GLN C 38 -19.31 -7.01 6.59
C GLN C 38 -18.39 -7.07 7.80
N GLN C 39 -17.47 -6.11 7.89
CA GLN C 39 -16.55 -6.04 9.02
C GLN C 39 -16.54 -4.62 9.55
N LYS C 40 -16.77 -4.48 10.85
CA LYS C 40 -16.71 -3.21 11.56
C LYS C 40 -15.50 -3.17 12.49
N PRO C 41 -14.97 -1.98 12.78
CA PRO C 41 -13.72 -1.89 13.54
C PRO C 41 -13.72 -2.77 14.78
N GLY C 42 -12.65 -3.55 14.93
CA GLY C 42 -12.50 -4.38 16.11
C GLY C 42 -13.23 -5.70 16.03
N LYS C 43 -14.41 -5.71 15.41
CA LYS C 43 -15.23 -6.91 15.46
C LYS C 43 -14.82 -7.91 14.38
N ALA C 44 -15.36 -9.12 14.49
CA ALA C 44 -15.09 -10.20 13.56
C ALA C 44 -15.92 -10.00 12.30
N PRO C 45 -15.53 -10.60 11.18
CA PRO C 45 -16.36 -10.48 9.97
C PRO C 45 -17.72 -11.13 10.20
N LYS C 46 -18.67 -10.75 9.35
CA LYS C 46 -20.03 -11.25 9.41
C LYS C 46 -20.52 -11.52 8.00
N LEU C 47 -21.17 -12.67 7.81
CA LEU C 47 -21.64 -13.05 6.50
C LEU C 47 -22.99 -12.39 6.23
N LEU C 48 -23.10 -11.71 5.08
CA LEU C 48 -24.35 -11.10 4.65
C LEU C 48 -25.03 -11.89 3.55
N ILE C 49 -24.31 -12.14 2.45
CA ILE C 49 -24.85 -12.81 1.28
C ILE C 49 -24.03 -14.07 1.04
N TYR C 50 -24.69 -15.12 0.51
CA TYR C 50 -23.99 -16.35 0.17
C TYR C 50 -24.57 -16.91 -1.12
N SER C 51 -23.68 -17.53 -1.90
CA SER C 51 -23.96 -17.95 -3.28
C SER C 51 -24.65 -16.83 -4.06
N ALA C 52 -24.00 -15.67 -4.05
CA ALA C 52 -24.29 -14.56 -4.96
C ALA C 52 -25.55 -13.79 -4.60
N SER C 53 -26.67 -14.49 -4.41
CA SER C 53 -27.94 -13.82 -4.25
C SER C 53 -28.67 -14.16 -2.95
N SER C 54 -28.42 -15.33 -2.38
CA SER C 54 -29.20 -15.77 -1.24
C SER C 54 -28.78 -15.05 0.04
N LEU C 55 -29.76 -14.44 0.69
CA LEU C 55 -29.62 -13.67 1.92
C LEU C 55 -29.41 -14.58 3.12
N TYR C 56 -28.69 -14.07 4.11
CA TYR C 56 -28.43 -14.78 5.36
C TYR C 56 -29.52 -14.41 6.36
N SER C 57 -29.66 -15.25 7.38
N SER C 57 -29.66 -15.25 7.38
CA SER C 57 -30.69 -15.04 8.40
CA SER C 57 -30.68 -15.04 8.40
C SER C 57 -30.35 -13.82 9.25
C SER C 57 -30.34 -13.82 9.24
N GLY C 58 -31.29 -12.89 9.32
CA GLY C 58 -31.13 -11.68 10.11
C GLY C 58 -30.65 -10.48 9.34
N VAL C 59 -30.31 -10.63 8.07
CA VAL C 59 -29.81 -9.49 7.26
C VAL C 59 -30.98 -8.73 6.74
N PRO C 60 -30.97 -7.39 6.83
CA PRO C 60 -32.16 -6.60 6.55
C PRO C 60 -32.64 -6.67 5.11
N SER C 61 -33.79 -6.03 4.97
CA SER C 61 -34.39 -5.56 3.73
C SER C 61 -33.59 -5.07 2.52
N ARG C 62 -32.58 -4.31 2.80
CA ARG C 62 -31.88 -3.48 1.84
C ARG C 62 -30.64 -4.12 1.29
N PHE C 63 -30.40 -5.40 1.53
CA PHE C 63 -29.19 -6.05 1.05
C PHE C 63 -29.53 -7.02 -0.07
N SER C 64 -28.83 -6.87 -1.20
CA SER C 64 -29.10 -7.65 -2.39
C SER C 64 -27.81 -8.05 -3.08
N GLY C 65 -27.79 -9.27 -3.59
CA GLY C 65 -26.67 -9.75 -4.41
C GLY C 65 -27.19 -10.20 -5.76
N SER C 66 -26.40 -9.96 -6.80
CA SER C 66 -26.85 -10.23 -8.16
C SER C 66 -25.73 -10.86 -8.97
N ARG C 67 -26.11 -11.38 -10.15
CA ARG C 67 -25.20 -11.93 -11.13
C ARG C 67 -25.65 -11.43 -12.50
N SER C 68 -24.72 -10.88 -13.28
CA SER C 68 -25.04 -10.42 -14.63
C SER C 68 -23.77 -10.55 -15.47
N GLY C 69 -23.57 -11.77 -16.00
CA GLY C 69 -22.37 -12.14 -16.73
C GLY C 69 -21.48 -13.00 -15.85
N THR C 70 -20.19 -12.69 -15.80
CA THR C 70 -19.31 -13.20 -14.74
C THR C 70 -19.20 -12.13 -13.65
N ASP C 71 -20.06 -11.11 -13.74
CA ASP C 71 -20.10 -9.99 -12.81
C ASP C 71 -21.07 -10.30 -11.66
N PHE C 72 -20.61 -10.05 -10.44
CA PHE C 72 -21.42 -10.26 -9.25
C PHE C 72 -21.39 -8.98 -8.42
N THR C 73 -22.55 -8.58 -7.94
CA THR C 73 -22.76 -7.28 -7.31
C THR C 73 -23.39 -7.46 -5.95
N LEU C 74 -23.05 -6.55 -5.04
CA LEU C 74 -23.75 -6.39 -3.77
C LEU C 74 -24.35 -4.99 -3.75
N THR C 75 -25.63 -4.90 -3.45
CA THR C 75 -26.36 -3.63 -3.48
C THR C 75 -27.03 -3.38 -2.14
N ILE C 76 -26.84 -2.17 -1.61
CA ILE C 76 -27.62 -1.66 -0.49
C ILE C 76 -28.61 -0.65 -1.06
N SER C 77 -29.90 -0.95 -0.92
CA SER C 77 -30.92 -0.09 -1.53
C SER C 77 -30.96 1.28 -0.89
N SER C 78 -30.93 1.33 0.44
CA SER C 78 -31.04 2.59 1.19
C SER C 78 -30.05 2.53 2.36
N LEU C 79 -28.91 3.20 2.22
CA LEU C 79 -27.91 3.13 3.26
C LEU C 79 -28.46 3.68 4.57
N GLN C 80 -28.17 2.99 5.66
CA GLN C 80 -28.64 3.33 7.00
C GLN C 80 -27.46 3.64 7.90
N PRO C 81 -27.67 4.37 8.99
CA PRO C 81 -26.55 4.79 9.83
C PRO C 81 -25.64 3.66 10.26
N GLU C 82 -26.18 2.45 10.46
CA GLU C 82 -25.38 1.34 10.92
C GLU C 82 -24.39 0.85 9.86
N ASP C 83 -24.68 1.11 8.59
CA ASP C 83 -23.99 0.41 7.51
C ASP C 83 -22.65 1.00 7.11
N PHE C 84 -22.15 2.04 7.78
CA PHE C 84 -20.83 2.56 7.42
C PHE C 84 -19.79 1.58 7.96
N ALA C 85 -19.22 0.76 7.06
CA ALA C 85 -18.31 -0.31 7.45
C ALA C 85 -17.68 -0.87 6.19
N THR C 86 -16.61 -1.66 6.38
CA THR C 86 -15.93 -2.29 5.27
C THR C 86 -16.63 -3.58 4.85
N TYR C 87 -16.79 -3.76 3.55
CA TYR C 87 -17.46 -4.91 2.96
C TYR C 87 -16.50 -5.71 2.10
N TYR C 88 -16.58 -7.03 2.18
CA TYR C 88 -15.68 -7.92 1.45
C TYR C 88 -16.47 -8.90 0.59
N CYS C 89 -15.84 -9.39 -0.46
CA CYS C 89 -16.42 -10.41 -1.32
C CYS C 89 -15.54 -11.65 -1.26
N GLN C 90 -16.10 -12.76 -1.76
CA GLN C 90 -15.36 -14.01 -1.85
C GLN C 90 -15.68 -14.64 -3.19
N GLN C 91 -14.65 -15.18 -3.85
CA GLN C 91 -14.81 -15.70 -5.20
C GLN C 91 -14.28 -17.12 -5.31
N ALA C 92 -13.59 -17.42 -6.40
CA ALA C 92 -13.08 -18.75 -6.69
C ALA C 92 -12.55 -19.47 -5.45
N LEU C 97 -9.83 -22.87 -4.61
CA LEU C 97 -9.05 -21.86 -3.91
C LEU C 97 -9.88 -20.60 -3.66
N LEU C 98 -10.54 -20.55 -2.50
CA LEU C 98 -11.34 -19.39 -2.15
C LEU C 98 -10.42 -18.20 -1.92
N THR C 99 -10.80 -17.11 -2.54
CA THR C 99 -10.25 -15.78 -2.54
C THR C 99 -11.11 -14.61 -2.15
N PHE C 100 -10.45 -13.64 -1.51
CA PHE C 100 -11.12 -12.47 -0.98
C PHE C 100 -10.83 -11.27 -1.85
N GLY C 101 -11.86 -10.47 -2.11
CA GLY C 101 -11.65 -9.19 -2.75
C GLY C 101 -10.92 -8.25 -1.82
N GLN C 102 -10.46 -7.13 -2.38
CA GLN C 102 -9.71 -6.17 -1.58
C GLN C 102 -10.54 -5.66 -0.40
N GLY C 103 -11.81 -5.38 -0.64
CA GLY C 103 -12.65 -4.81 0.39
C GLY C 103 -12.85 -3.32 0.19
N THR C 104 -14.01 -2.83 0.62
CA THR C 104 -14.38 -1.43 0.41
C THR C 104 -15.00 -0.88 1.68
N LYS C 105 -14.51 0.28 2.13
CA LYS C 105 -14.99 0.89 3.37
C LYS C 105 -15.89 2.07 3.03
N VAL C 106 -17.15 1.99 3.43
CA VAL C 106 -18.11 3.06 3.20
C VAL C 106 -18.03 4.04 4.37
N GLU C 107 -17.57 5.25 4.09
CA GLU C 107 -17.61 6.35 5.04
C GLU C 107 -18.85 7.19 4.75
N ILE C 108 -19.32 7.88 5.78
CA ILE C 108 -20.53 8.69 5.68
C ILE C 108 -20.12 10.12 5.33
N LYS C 109 -20.77 10.68 4.32
CA LYS C 109 -20.44 12.02 3.85
C LYS C 109 -20.87 13.06 4.89
N ARG C 110 -20.09 14.13 4.96
CA ARG C 110 -20.19 15.11 6.04
C ARG C 110 -19.59 16.42 5.55
N THR C 111 -20.19 17.54 6.00
CA THR C 111 -19.66 18.83 5.63
C THR C 111 -18.22 18.95 6.11
N VAL C 112 -17.43 19.77 5.43
CA VAL C 112 -16.01 19.82 5.78
C VAL C 112 -15.83 20.56 7.10
N ALA C 113 -14.88 20.10 7.89
CA ALA C 113 -14.57 20.61 9.22
C ALA C 113 -13.07 20.81 9.32
N ALA C 114 -12.67 22.01 9.70
CA ALA C 114 -11.26 22.30 9.86
C ALA C 114 -10.73 21.67 11.15
N PRO C 115 -9.48 21.22 11.14
CA PRO C 115 -8.89 20.66 12.36
C PRO C 115 -8.45 21.75 13.33
N SER C 116 -8.16 21.32 14.55
CA SER C 116 -7.52 22.15 15.57
C SER C 116 -6.17 21.50 15.88
N VAL C 117 -5.10 22.26 15.72
CA VAL C 117 -3.74 21.74 15.82
C VAL C 117 -3.21 22.00 17.22
N PHE C 118 -2.55 21.00 17.79
CA PHE C 118 -1.86 21.14 19.06
C PHE C 118 -0.46 20.56 18.93
N ILE C 119 0.51 21.22 19.57
CA ILE C 119 1.91 20.82 19.55
C ILE C 119 2.32 20.49 20.97
N PHE C 120 2.98 19.34 21.16
CA PHE C 120 3.50 18.96 22.46
C PHE C 120 5.01 18.80 22.36
N PRO C 121 5.81 19.62 23.05
CA PRO C 121 7.25 19.35 23.13
C PRO C 121 7.51 17.99 23.74
N PRO C 122 8.71 17.43 23.59
CA PRO C 122 9.00 16.13 24.13
C PRO C 122 9.23 16.18 25.63
N SER C 123 8.92 15.12 26.32
CA SER C 123 9.20 15.06 27.76
C SER C 123 10.04 13.82 28.03
N ASP C 124 10.41 13.12 26.97
CA ASP C 124 11.18 11.89 27.10
C ASP C 124 12.59 12.24 26.75
N LEU C 125 13.14 13.32 27.27
CA LEU C 125 14.52 13.65 26.90
C LEU C 125 15.52 12.76 27.63
N ARG C 126 15.13 12.09 28.70
CA ARG C 126 16.04 11.18 29.44
C ARG C 126 16.11 9.84 28.72
N THR C 127 15.33 9.61 27.69
CA THR C 127 15.32 8.35 26.93
C THR C 127 16.36 8.33 25.85
N GLY C 128 16.94 9.46 25.48
CA GLY C 128 17.95 9.40 24.43
C GLY C 128 17.42 9.90 23.12
N THR C 129 16.12 9.71 22.92
CA THR C 129 15.42 10.18 21.72
C THR C 129 14.46 11.26 22.17
N ALA C 130 14.18 12.20 21.28
CA ALA C 130 13.25 13.29 21.61
C ALA C 130 12.05 13.13 20.70
N SER C 131 10.86 13.18 21.25
CA SER C 131 9.67 12.91 20.43
C SER C 131 8.72 14.07 20.54
N VAL C 132 8.36 14.59 19.42
CA VAL C 132 7.48 15.76 19.32
C VAL C 132 6.16 15.31 18.73
N VAL C 133 5.06 15.74 19.35
CA VAL C 133 3.71 15.31 18.97
C VAL C 133 2.93 16.52 18.53
N CYS C 134 2.30 16.46 17.36
CA CYS C 134 1.39 17.49 16.89
C CYS C 134 0.04 16.85 16.57
N LEU C 135 -1.02 17.43 17.09
CA LEU C 135 -2.36 16.84 17.14
C LEU C 135 -3.26 17.60 16.18
N LEU C 136 -3.80 16.91 15.19
CA LEU C 136 -4.81 17.46 14.29
C LEU C 136 -6.13 16.87 14.70
N ASN C 137 -6.98 17.65 15.36
CA ASN C 137 -8.16 17.05 15.97
C ASN C 137 -9.47 17.42 15.27
N ASN C 138 -10.20 16.40 14.86
CA ASN C 138 -11.57 16.43 14.34
C ASN C 138 -11.63 17.29 13.10
N PHE C 139 -11.28 16.68 11.97
CA PHE C 139 -11.41 17.33 10.67
C PHE C 139 -12.08 16.37 9.69
N TYR C 140 -12.73 16.94 8.67
CA TYR C 140 -13.32 16.16 7.58
C TYR C 140 -13.00 16.96 6.34
N PRO C 141 -12.53 16.35 5.24
CA PRO C 141 -12.35 14.91 5.08
C PRO C 141 -11.04 14.37 5.67
N ARG C 142 -10.79 13.09 5.43
CA ARG C 142 -9.63 12.42 6.03
C ARG C 142 -8.31 12.98 5.53
N GLU C 143 -8.25 13.35 4.26
CA GLU C 143 -6.99 13.80 3.68
C GLU C 143 -6.51 15.05 4.40
N ALA C 144 -5.31 14.95 4.98
CA ALA C 144 -4.67 16.07 5.66
C ALA C 144 -3.17 15.96 5.41
N LYS C 145 -2.52 17.10 5.24
CA LYS C 145 -1.09 17.13 4.96
C LYS C 145 -0.40 17.84 6.11
N VAL C 146 0.36 17.10 6.90
CA VAL C 146 1.17 17.69 7.97
C VAL C 146 2.64 17.56 7.56
N GLN C 147 3.33 18.68 7.50
CA GLN C 147 4.75 18.72 7.23
C GLN C 147 5.47 19.36 8.41
N TRP C 148 6.69 18.89 8.62
CA TRP C 148 7.53 19.25 9.73
C TRP C 148 8.63 20.21 9.29
N LYS C 149 8.91 21.21 10.12
CA LYS C 149 9.97 22.16 9.86
C LYS C 149 10.82 22.29 11.12
N VAL C 150 12.14 22.31 10.93
CA VAL C 150 13.10 22.49 12.01
C VAL C 150 14.05 23.59 11.59
N ASP C 151 14.01 24.73 12.28
CA ASP C 151 14.76 25.91 11.87
C ASP C 151 14.31 26.36 10.48
N ASN C 152 12.98 26.34 10.28
CA ASN C 152 12.37 26.69 9.00
C ASN C 152 12.99 25.89 7.85
N ALA C 153 13.46 24.69 8.16
CA ALA C 153 13.91 23.73 7.16
C ALA C 153 12.92 22.58 7.13
N LEU C 154 12.32 22.34 5.96
CA LEU C 154 11.28 21.31 5.87
C LEU C 154 11.91 19.94 6.04
N GLN C 155 11.21 19.06 6.76
CA GLN C 155 11.76 17.77 7.14
C GLN C 155 10.90 16.63 6.62
N SER C 156 11.54 15.51 6.34
CA SER C 156 10.80 14.31 5.99
C SER C 156 11.64 13.06 6.26
N GLY C 157 10.95 11.97 6.58
CA GLY C 157 11.57 10.70 6.91
C GLY C 157 11.48 10.43 8.40
N ASN C 158 11.83 11.43 9.20
CA ASN C 158 11.87 11.39 10.65
C ASN C 158 10.53 11.27 11.31
N SER C 159 9.44 11.01 10.60
CA SER C 159 8.12 11.14 11.18
C SER C 159 7.22 10.00 10.75
N GLN C 160 6.30 9.62 11.62
CA GLN C 160 5.27 8.62 11.33
C GLN C 160 3.93 9.16 11.79
N GLU C 161 2.89 8.90 11.00
CA GLU C 161 1.54 9.40 11.26
C GLU C 161 0.61 8.26 11.61
N SER C 162 -0.54 8.63 12.19
CA SER C 162 -1.57 7.68 12.57
C SER C 162 -2.90 8.41 12.64
N VAL C 163 -3.96 7.75 12.17
CA VAL C 163 -5.26 8.37 12.00
C VAL C 163 -6.31 7.53 12.72
N THR C 164 -7.35 8.20 13.18
CA THR C 164 -8.44 7.58 13.91
C THR C 164 -9.52 7.11 12.94
N GLU C 165 -10.36 6.18 13.41
CA GLU C 165 -11.57 5.86 12.69
C GLU C 165 -12.51 7.06 12.71
N GLN C 166 -13.42 7.09 11.75
CA GLN C 166 -14.42 8.15 11.72
C GLN C 166 -15.24 8.12 13.00
N ASP C 167 -15.38 9.27 13.64
CA ASP C 167 -16.16 9.33 14.87
C ASP C 167 -17.59 8.88 14.59
N SER C 168 -18.20 8.33 15.64
CA SER C 168 -19.52 7.74 15.62
C SER C 168 -20.67 8.75 15.65
N LYS C 169 -20.44 9.89 16.29
CA LYS C 169 -21.43 10.96 16.41
C LYS C 169 -21.24 12.01 15.31
N ASP C 170 -20.09 12.68 15.30
CA ASP C 170 -19.89 13.80 14.39
C ASP C 170 -19.06 13.44 13.16
N SER C 171 -18.69 12.18 12.99
CA SER C 171 -18.10 11.68 11.75
C SER C 171 -16.85 12.46 11.35
N THR C 172 -16.02 12.81 12.32
CA THR C 172 -14.78 13.55 12.06
C THR C 172 -13.59 12.60 12.03
N TYR C 173 -12.46 13.14 11.56
CA TYR C 173 -11.17 12.48 11.62
C TYR C 173 -10.18 13.37 12.37
N SER C 174 -9.26 12.75 13.10
CA SER C 174 -8.14 13.45 13.69
C SER C 174 -6.88 12.62 13.45
N LEU C 175 -5.73 13.23 13.77
CA LEU C 175 -4.44 12.70 13.34
C LEU C 175 -3.39 12.93 14.41
N SER C 176 -2.62 11.88 14.69
CA SER C 176 -1.44 11.97 15.52
C SER C 176 -0.21 11.81 14.63
N SER C 177 0.76 12.70 14.79
CA SER C 177 2.02 12.64 14.06
C SER C 177 3.15 12.91 15.03
N THR C 178 4.17 12.05 15.00
CA THR C 178 5.27 12.13 15.97
C THR C 178 6.59 12.24 15.22
N LEU C 179 7.27 13.36 15.41
CA LEU C 179 8.62 13.55 14.89
C LEU C 179 9.60 13.11 15.97
N THR C 180 10.40 12.08 15.66
CA THR C 180 11.31 11.47 16.62
C THR C 180 12.73 11.75 16.17
N LEU C 181 13.57 12.18 17.10
CA LEU C 181 14.95 12.51 16.79
C LEU C 181 15.86 12.03 17.90
N SER C 182 17.12 11.75 17.53
CA SER C 182 18.14 11.47 18.52
C SER C 182 18.35 12.73 19.36
N LYS C 183 18.51 12.54 20.67
CA LYS C 183 18.73 13.67 21.57
C LYS C 183 19.85 14.57 21.05
N ALA C 184 20.89 13.95 20.49
CA ALA C 184 21.99 14.70 19.88
C ALA C 184 21.47 15.73 18.88
N ASP C 185 20.75 15.25 17.86
CA ASP C 185 20.24 16.17 16.84
C ASP C 185 19.20 17.11 17.42
N TYR C 186 18.35 16.60 18.31
CA TYR C 186 17.34 17.46 18.92
C TYR C 186 17.99 18.64 19.63
N GLU C 187 19.14 18.40 20.28
CA GLU C 187 19.82 19.45 21.02
C GLU C 187 20.69 20.33 20.14
N LYS C 188 20.49 20.27 18.83
CA LYS C 188 21.18 21.15 17.89
C LYS C 188 20.31 22.29 17.37
N HIS C 189 18.99 22.15 17.42
CA HIS C 189 18.06 23.10 16.81
C HIS C 189 17.16 23.72 17.86
N LYS C 190 16.44 24.76 17.45
CA LYS C 190 15.59 25.53 18.35
C LYS C 190 14.13 25.57 17.93
N VAL C 191 13.86 25.66 16.62
CA VAL C 191 12.50 25.84 16.13
C VAL C 191 11.97 24.50 15.67
N TYR C 192 10.81 24.12 16.20
CA TYR C 192 10.12 22.90 15.81
C TYR C 192 8.66 23.25 15.56
N ALA C 193 8.16 22.93 14.36
CA ALA C 193 6.82 23.33 13.98
C ALA C 193 6.23 22.28 13.05
N CYS C 194 4.90 22.14 13.12
CA CYS C 194 4.12 21.28 12.23
C CYS C 194 3.15 22.19 11.48
N GLU C 195 3.31 22.26 10.16
CA GLU C 195 2.41 23.03 9.32
C GLU C 195 1.41 22.08 8.67
N VAL C 196 0.13 22.42 8.75
CA VAL C 196 -0.94 21.53 8.29
C VAL C 196 -1.71 22.23 7.17
N THR C 197 -1.94 21.50 6.08
CA THR C 197 -2.77 21.96 4.97
C THR C 197 -4.03 21.09 4.93
N HIS C 198 -5.18 21.74 4.86
CA HIS C 198 -6.46 21.05 4.78
C HIS C 198 -7.41 21.83 3.89
N GLN C 199 -8.22 21.10 3.12
CA GLN C 199 -9.26 21.70 2.29
C GLN C 199 -10.03 22.74 3.07
N GLY C 200 -10.38 22.41 4.31
CA GLY C 200 -11.10 23.30 5.19
C GLY C 200 -10.28 24.41 5.80
N LEU C 201 -9.03 24.55 5.39
CA LEU C 201 -8.14 25.59 5.91
C LEU C 201 -7.96 26.66 4.85
N SER C 202 -8.58 27.82 5.07
CA SER C 202 -8.23 29.00 4.29
C SER C 202 -6.74 29.08 4.06
N SER C 203 -5.97 29.16 5.16
CA SER C 203 -4.52 29.28 5.18
C SER C 203 -3.89 28.07 5.87
N PRO C 204 -2.72 27.63 5.43
CA PRO C 204 -2.00 26.58 6.17
C PRO C 204 -1.60 27.05 7.56
N VAL C 205 -2.00 26.28 8.56
CA VAL C 205 -1.76 26.63 9.96
C VAL C 205 -0.45 26.02 10.40
N THR C 206 0.37 26.81 11.08
CA THR C 206 1.66 26.37 11.62
C THR C 206 1.65 26.54 13.13
N LYS C 207 1.83 25.44 13.85
CA LYS C 207 2.03 25.47 15.30
C LYS C 207 3.51 25.23 15.59
N SER C 208 4.04 25.99 16.55
CA SER C 208 5.48 26.02 16.76
C SER C 208 5.81 26.22 18.23
N PHE C 209 7.04 25.87 18.59
CA PHE C 209 7.60 26.16 19.90
C PHE C 209 9.11 26.27 19.78
N ASN C 210 9.72 26.99 20.72
CA ASN C 210 11.16 27.13 20.79
C ASN C 210 11.71 26.21 21.88
N ARG C 211 12.79 25.52 21.57
CA ARG C 211 13.32 24.50 22.47
C ARG C 211 13.75 25.10 23.80
N GLY C 212 13.28 24.53 24.89
CA GLY C 212 13.73 24.99 26.18
C GLY C 212 13.02 26.25 26.59
N GLU C 213 11.79 26.15 27.06
CA GLU C 213 11.26 27.26 27.85
C GLU C 213 11.04 28.56 27.07
N CYS C 214 11.63 28.70 25.88
CA CYS C 214 11.48 29.98 25.14
C CYS C 214 10.05 30.18 24.61
N GLU D 4 -26.01 -22.59 20.84
CA GLU D 4 -25.26 -21.56 20.10
C GLU D 4 -24.01 -22.18 19.47
N VAL D 5 -23.49 -21.52 18.44
CA VAL D 5 -22.28 -21.95 17.75
C VAL D 5 -21.16 -20.99 18.10
N GLN D 6 -20.11 -21.52 18.73
CA GLN D 6 -18.94 -20.74 19.11
C GLN D 6 -17.67 -21.42 18.62
N LEU D 7 -16.67 -20.61 18.31
CA LEU D 7 -15.35 -21.10 17.94
C LEU D 7 -14.31 -20.27 18.70
N VAL D 8 -13.57 -20.93 19.60
CA VAL D 8 -12.64 -20.26 20.50
C VAL D 8 -11.22 -20.63 20.10
N GLU D 9 -10.44 -19.63 19.70
CA GLU D 9 -9.08 -19.84 19.23
C GLU D 9 -8.07 -19.65 20.37
N SER D 10 -6.90 -20.25 20.19
CA SER D 10 -5.81 -20.11 21.15
C SER D 10 -4.51 -20.49 20.45
N GLY D 11 -3.40 -20.34 21.16
CA GLY D 11 -2.10 -20.69 20.64
C GLY D 11 -1.35 -19.58 19.95
N GLY D 12 -1.85 -18.36 20.00
CA GLY D 12 -1.17 -17.25 19.38
C GLY D 12 0.03 -16.77 20.16
N GLY D 13 0.41 -15.50 19.94
CA GLY D 13 1.53 -14.94 20.66
C GLY D 13 2.72 -14.63 19.78
N LEU D 14 3.91 -14.76 20.35
CA LEU D 14 5.17 -14.41 19.72
C LEU D 14 5.78 -15.61 19.03
N VAL D 15 6.72 -15.34 18.12
CA VAL D 15 7.60 -16.36 17.57
C VAL D 15 8.74 -15.65 16.86
N GLN D 16 9.90 -16.30 16.83
CA GLN D 16 11.07 -15.74 16.17
C GLN D 16 11.03 -16.07 14.68
N PRO D 17 11.72 -15.30 13.85
CA PRO D 17 11.85 -15.70 12.44
C PRO D 17 12.37 -17.12 12.34
N GLY D 18 11.67 -17.94 11.57
CA GLY D 18 11.97 -19.35 11.49
C GLY D 18 11.34 -20.20 12.57
N GLY D 19 10.78 -19.59 13.61
CA GLY D 19 10.13 -20.34 14.66
C GLY D 19 8.80 -20.87 14.17
N SER D 20 8.06 -21.46 15.11
CA SER D 20 6.80 -22.09 14.75
C SER D 20 5.77 -21.91 15.86
N LEU D 21 4.50 -21.93 15.46
CA LEU D 21 3.37 -21.72 16.34
C LEU D 21 2.18 -22.50 15.77
N ARG D 22 1.47 -23.18 16.64
CA ARG D 22 0.32 -24.01 16.27
C ARG D 22 -0.93 -23.43 16.90
N LEU D 23 -1.88 -23.05 16.06
CA LEU D 23 -3.14 -22.49 16.55
C LEU D 23 -4.17 -23.59 16.80
N SER D 24 -5.13 -23.29 17.66
CA SER D 24 -6.25 -24.17 17.94
C SER D 24 -7.54 -23.39 17.71
N CYS D 25 -8.58 -24.10 17.27
CA CYS D 25 -9.93 -23.52 17.17
C CYS D 25 -10.90 -24.60 17.64
N ALA D 26 -11.24 -24.57 18.92
CA ALA D 26 -12.19 -25.53 19.47
C ALA D 26 -13.60 -25.16 19.01
N ALA D 27 -14.27 -26.11 18.35
CA ALA D 27 -15.59 -25.87 17.82
C ALA D 27 -16.65 -26.22 18.86
N SER D 28 -17.77 -25.49 18.81
CA SER D 28 -18.86 -25.67 19.75
C SER D 28 -20.17 -25.44 19.03
N GLY D 29 -21.19 -26.20 19.44
CA GLY D 29 -22.50 -26.09 18.84
C GLY D 29 -22.70 -26.97 17.62
N PHE D 30 -21.63 -27.54 17.08
CA PHE D 30 -21.72 -28.44 15.94
C PHE D 30 -20.58 -29.48 15.99
N ASN D 31 -20.58 -30.34 14.97
CA ASN D 31 -19.63 -31.41 14.73
C ASN D 31 -18.82 -31.02 13.51
N LEU D 32 -17.46 -31.01 13.70
CA LEU D 32 -16.71 -30.51 12.56
C LEU D 32 -16.71 -31.49 11.35
N SER D 33 -17.31 -32.66 11.50
CA SER D 33 -17.50 -33.57 10.38
C SER D 33 -18.58 -33.05 9.45
N SER D 34 -19.50 -32.26 10.02
CA SER D 34 -20.57 -31.60 9.28
C SER D 34 -20.10 -30.40 8.48
N SER D 35 -18.88 -29.93 8.71
CA SER D 35 -18.45 -28.64 8.22
C SER D 35 -17.03 -28.72 7.71
N SER D 36 -16.65 -27.73 6.93
CA SER D 36 -15.25 -27.49 6.59
C SER D 36 -14.77 -26.34 7.44
N ILE D 37 -13.49 -26.41 7.81
CA ILE D 37 -12.89 -25.36 8.64
C ILE D 37 -11.80 -24.64 7.85
N HIS D 38 -11.90 -23.33 7.79
CA HIS D 38 -11.00 -22.45 7.09
C HIS D 38 -10.26 -21.57 8.09
N TRP D 39 -9.08 -21.12 7.70
CA TRP D 39 -8.30 -20.16 8.44
C TRP D 39 -8.11 -18.93 7.57
N VAL D 40 -8.42 -17.76 8.13
CA VAL D 40 -8.28 -16.49 7.44
C VAL D 40 -7.55 -15.53 8.37
N ARG D 41 -6.61 -14.77 7.82
CA ARG D 41 -5.81 -13.84 8.59
C ARG D 41 -6.06 -12.43 8.11
N GLN D 42 -5.52 -11.47 8.86
CA GLN D 42 -5.68 -10.05 8.52
C GLN D 42 -4.54 -9.29 9.17
N ALA D 43 -3.77 -8.57 8.36
CA ALA D 43 -2.66 -7.78 8.86
C ALA D 43 -3.16 -6.42 9.34
N PRO D 44 -2.40 -5.76 10.22
CA PRO D 44 -2.85 -4.47 10.76
C PRO D 44 -3.29 -3.51 9.65
N GLY D 45 -4.59 -3.23 9.59
CA GLY D 45 -5.10 -2.24 8.67
C GLY D 45 -5.38 -2.74 7.27
N LYS D 46 -5.16 -4.01 6.99
CA LYS D 46 -5.28 -4.55 5.65
C LYS D 46 -6.46 -5.52 5.57
N GLY D 47 -6.63 -6.10 4.37
CA GLY D 47 -7.79 -6.91 4.07
C GLY D 47 -7.64 -8.35 4.52
N LEU D 48 -8.67 -9.14 4.21
CA LEU D 48 -8.71 -10.53 4.57
C LEU D 48 -7.91 -11.38 3.58
N GLU D 49 -7.29 -12.43 4.10
CA GLU D 49 -6.51 -13.35 3.27
C GLU D 49 -6.78 -14.78 3.75
N TRP D 50 -7.40 -15.58 2.88
CA TRP D 50 -7.54 -17.00 3.16
C TRP D 50 -6.18 -17.68 3.04
N VAL D 51 -5.93 -18.65 3.93
CA VAL D 51 -4.62 -19.30 3.97
C VAL D 51 -4.76 -20.81 3.85
N ALA D 52 -5.83 -21.37 4.41
CA ALA D 52 -5.97 -22.82 4.38
C ALA D 52 -7.39 -23.20 4.78
N SER D 53 -7.76 -24.44 4.43
CA SER D 53 -9.07 -25.00 4.72
C SER D 53 -8.91 -26.50 4.86
N ILE D 54 -9.70 -27.11 5.75
CA ILE D 54 -9.75 -28.55 5.88
C ILE D 54 -11.21 -28.99 5.83
N TYR D 55 -11.45 -30.08 5.14
CA TYR D 55 -12.78 -30.67 4.96
C TYR D 55 -12.72 -32.03 5.65
N SER D 56 -13.21 -32.06 6.89
CA SER D 56 -12.85 -33.15 7.78
C SER D 56 -13.47 -34.47 7.34
N TYR D 57 -14.68 -34.44 6.78
CA TYR D 57 -15.32 -35.68 6.41
C TYR D 57 -14.97 -36.17 5.01
N TYR D 58 -14.23 -35.42 4.21
CA TYR D 58 -13.64 -36.02 3.02
C TYR D 58 -12.12 -35.85 3.01
N GLY D 59 -11.54 -35.35 4.11
CA GLY D 59 -10.09 -35.31 4.27
C GLY D 59 -9.34 -34.52 3.23
N SER D 60 -10.02 -33.68 2.46
CA SER D 60 -9.37 -32.90 1.43
C SER D 60 -8.67 -31.69 2.04
N THR D 61 -7.60 -31.27 1.39
CA THR D 61 -6.76 -30.18 1.87
C THR D 61 -6.62 -29.11 0.80
N SER D 62 -6.43 -27.87 1.26
CA SER D 62 -6.05 -26.79 0.36
C SER D 62 -5.31 -25.73 1.15
N TYR D 63 -4.30 -25.12 0.52
CA TYR D 63 -3.47 -24.11 1.16
C TYR D 63 -3.25 -22.97 0.18
N ALA D 64 -3.28 -21.74 0.69
CA ALA D 64 -2.97 -20.58 -0.14
C ALA D 64 -1.51 -20.61 -0.56
N ASP D 65 -1.26 -20.19 -1.81
CA ASP D 65 0.10 -20.23 -2.36
C ASP D 65 1.11 -19.64 -1.39
N SER D 66 0.75 -18.52 -0.75
CA SER D 66 1.67 -17.89 0.19
C SER D 66 1.76 -18.63 1.50
N VAL D 67 1.25 -19.86 1.54
CA VAL D 67 1.19 -20.63 2.78
C VAL D 67 1.51 -22.09 2.48
N LYS D 68 1.43 -22.46 1.21
CA LYS D 68 1.66 -23.85 0.82
C LYS D 68 3.11 -24.26 1.10
N GLY D 69 3.28 -25.39 1.76
CA GLY D 69 4.60 -25.92 2.05
C GLY D 69 5.17 -25.51 3.39
N ARG D 70 4.56 -24.54 4.06
CA ARG D 70 5.04 -24.06 5.35
C ARG D 70 4.05 -24.26 6.47
N PHE D 71 2.76 -24.22 6.18
CA PHE D 71 1.70 -24.45 7.15
C PHE D 71 1.09 -25.82 6.90
N THR D 72 0.46 -26.38 7.93
CA THR D 72 -0.26 -27.63 7.79
C THR D 72 -1.46 -27.58 8.71
N ILE D 73 -2.64 -27.83 8.14
CA ILE D 73 -3.90 -27.76 8.85
C ILE D 73 -4.36 -29.19 9.15
N SER D 74 -4.76 -29.42 10.40
CA SER D 74 -5.21 -30.73 10.84
C SER D 74 -6.53 -30.57 11.58
N ALA D 75 -7.20 -31.70 11.81
CA ALA D 75 -8.45 -31.71 12.55
C ALA D 75 -8.44 -32.90 13.50
N ASP D 76 -8.81 -32.65 14.75
CA ASP D 76 -8.93 -33.70 15.75
C ASP D 76 -10.43 -33.94 15.96
N THR D 77 -10.96 -34.91 15.23
CA THR D 77 -12.32 -35.41 15.43
C THR D 77 -12.79 -35.31 16.86
N SER D 78 -12.18 -36.10 17.74
CA SER D 78 -12.72 -36.31 19.08
C SER D 78 -12.84 -35.02 19.88
N LYS D 79 -11.95 -34.07 19.66
CA LYS D 79 -11.97 -32.82 20.40
C LYS D 79 -12.64 -31.70 19.61
N ASN D 80 -13.15 -31.99 18.42
CA ASN D 80 -13.87 -30.99 17.63
C ASN D 80 -13.00 -29.75 17.46
N THR D 81 -11.72 -29.97 17.20
CA THR D 81 -10.73 -28.90 17.15
C THR D 81 -9.86 -29.05 15.91
N ALA D 82 -9.74 -27.96 15.15
CA ALA D 82 -8.79 -27.88 14.06
C ALA D 82 -7.56 -27.08 14.50
N TYR D 83 -6.42 -27.44 13.92
CA TYR D 83 -5.16 -26.78 14.20
C TYR D 83 -4.56 -26.27 12.90
N LEU D 84 -3.68 -25.28 13.04
CA LEU D 84 -2.90 -24.74 11.93
C LEU D 84 -1.46 -24.66 12.43
N GLN D 85 -0.65 -25.65 12.06
CA GLN D 85 0.76 -25.68 12.45
C GLN D 85 1.54 -24.84 11.44
N MET D 86 1.96 -23.65 11.86
CA MET D 86 2.70 -22.72 11.03
C MET D 86 4.19 -22.85 11.32
N ASN D 87 5.00 -23.00 10.28
CA ASN D 87 6.45 -23.08 10.47
C ASN D 87 7.15 -22.30 9.35
N SER D 88 8.47 -22.21 9.47
CA SER D 88 9.27 -21.30 8.67
C SER D 88 8.60 -19.94 8.57
N LEU D 89 8.25 -19.39 9.73
CA LEU D 89 7.52 -18.13 9.77
C LEU D 89 8.42 -16.95 9.49
N ARG D 90 7.90 -16.02 8.69
CA ARG D 90 8.60 -14.81 8.28
C ARG D 90 7.68 -13.62 8.48
N ALA D 91 8.26 -12.42 8.45
CA ALA D 91 7.53 -11.21 8.82
C ALA D 91 6.24 -11.00 8.03
N GLU D 92 6.03 -11.73 6.94
CA GLU D 92 4.77 -11.59 6.21
C GLU D 92 3.61 -12.26 6.92
N ASP D 93 3.90 -13.14 7.88
CA ASP D 93 2.84 -13.88 8.56
C ASP D 93 2.25 -13.13 9.75
N THR D 94 2.84 -12.01 10.15
CA THR D 94 2.29 -11.31 11.31
C THR D 94 0.90 -10.73 11.00
N ALA D 95 -0.13 -11.38 11.52
CA ALA D 95 -1.51 -10.98 11.30
C ALA D 95 -2.36 -11.59 12.42
N VAL D 96 -3.61 -11.14 12.47
CA VAL D 96 -4.63 -11.74 13.34
C VAL D 96 -5.30 -12.86 12.55
N TYR D 97 -5.24 -14.07 13.11
CA TYR D 97 -5.71 -15.26 12.42
C TYR D 97 -7.08 -15.65 12.94
N TYR D 98 -8.02 -15.88 12.03
CA TYR D 98 -9.39 -16.24 12.37
C TYR D 98 -9.67 -17.69 12.00
N CYS D 99 -10.28 -18.44 12.91
CA CYS D 99 -10.91 -19.70 12.56
C CYS D 99 -12.38 -19.47 12.24
N ALA D 100 -12.86 -20.13 11.19
CA ALA D 100 -14.23 -19.96 10.74
C ALA D 100 -14.78 -21.26 10.19
N ARG D 101 -16.11 -21.42 10.30
CA ARG D 101 -16.80 -22.59 9.80
C ARG D 101 -17.59 -22.27 8.54
N GLU D 102 -17.56 -23.20 7.59
CA GLU D 102 -18.48 -23.23 6.44
C GLU D 102 -19.32 -24.49 6.61
N TYR D 103 -20.61 -24.34 6.90
CA TYR D 103 -21.42 -25.52 7.15
C TYR D 103 -22.00 -26.08 5.86
N HIS D 104 -22.06 -27.40 5.79
CA HIS D 104 -22.55 -28.12 4.62
C HIS D 104 -23.91 -28.77 4.92
N VAL D 115 -22.26 -23.37 0.82
CA VAL D 115 -21.11 -22.48 0.77
C VAL D 115 -21.30 -21.32 1.75
N GLY D 116 -20.29 -20.47 1.86
CA GLY D 116 -20.31 -19.36 2.79
C GLY D 116 -19.77 -19.75 4.14
N LEU D 117 -19.08 -18.84 4.82
CA LEU D 117 -18.44 -19.12 6.12
C LEU D 117 -19.38 -18.59 7.20
N ASP D 118 -20.08 -19.52 7.85
CA ASP D 118 -21.20 -19.18 8.71
C ASP D 118 -20.77 -18.47 9.99
N TYR D 119 -19.82 -19.04 10.71
CA TYR D 119 -19.44 -18.57 12.03
C TYR D 119 -17.95 -18.32 12.09
N TRP D 120 -17.55 -17.34 12.90
CA TRP D 120 -16.16 -16.92 12.99
C TRP D 120 -15.71 -16.93 14.43
N GLY D 121 -14.45 -17.34 14.64
CA GLY D 121 -13.81 -17.18 15.93
C GLY D 121 -13.50 -15.72 16.20
N GLN D 122 -13.00 -15.47 17.42
CA GLN D 122 -12.64 -14.11 17.83
C GLN D 122 -11.43 -13.55 17.07
N GLY D 123 -10.52 -14.40 16.62
CA GLY D 123 -9.24 -13.92 16.11
C GLY D 123 -8.16 -13.97 17.17
N THR D 124 -6.93 -14.16 16.72
CA THR D 124 -5.81 -14.31 17.63
C THR D 124 -4.56 -13.68 17.05
N LEU D 125 -3.83 -12.96 17.89
CA LEU D 125 -2.64 -12.24 17.47
C LEU D 125 -1.47 -13.19 17.27
N VAL D 126 -0.82 -13.10 16.11
CA VAL D 126 0.42 -13.81 15.83
C VAL D 126 1.43 -12.78 15.36
N THR D 127 2.58 -12.70 16.04
CA THR D 127 3.60 -11.72 15.73
C THR D 127 4.95 -12.41 15.59
N VAL D 128 5.48 -12.44 14.37
CA VAL D 128 6.81 -12.97 14.09
C VAL D 128 7.77 -11.81 14.04
N SER D 129 8.82 -11.85 14.86
CA SER D 129 9.86 -10.84 14.83
C SER D 129 10.90 -11.19 15.89
N SER D 130 12.10 -10.61 15.73
CA SER D 130 13.19 -10.90 16.65
C SER D 130 12.96 -10.28 18.02
N ALA D 131 12.46 -9.04 18.05
CA ALA D 131 12.29 -8.32 19.31
C ALA D 131 11.53 -9.16 20.32
N SER D 132 11.98 -9.09 21.58
CA SER D 132 11.35 -9.85 22.63
C SER D 132 10.16 -9.06 23.20
N THR D 133 9.42 -9.72 24.10
CA THR D 133 8.29 -9.04 24.75
C THR D 133 8.85 -7.92 25.62
N LYS D 134 8.12 -6.80 25.66
CA LYS D 134 8.60 -5.63 26.37
C LYS D 134 7.42 -4.80 26.84
N GLY D 135 7.41 -4.44 28.12
CA GLY D 135 6.38 -3.58 28.66
C GLY D 135 6.51 -2.16 28.17
N PRO D 136 5.36 -1.48 27.99
CA PRO D 136 5.40 -0.11 27.49
C PRO D 136 5.90 0.89 28.52
N SER D 137 6.42 2.01 28.02
CA SER D 137 6.70 3.20 28.82
C SER D 137 5.70 4.28 28.47
N VAL D 138 5.35 5.10 29.47
CA VAL D 138 4.32 6.12 29.34
C VAL D 138 4.93 7.49 29.64
N PHE D 139 4.73 8.44 28.73
CA PHE D 139 5.29 9.78 28.85
C PHE D 139 4.19 10.82 28.68
N PRO D 140 4.18 11.85 29.52
CA PRO D 140 3.06 12.81 29.50
C PRO D 140 3.19 13.82 28.37
N LEU D 141 2.04 14.12 27.76
CA LEU D 141 1.93 15.21 26.78
C LEU D 141 1.26 16.40 27.48
N ALA D 142 2.08 17.33 27.97
CA ALA D 142 1.56 18.39 28.82
C ALA D 142 0.69 19.35 28.01
N PRO D 143 -0.44 19.80 28.55
CA PRO D 143 -1.26 20.78 27.85
C PRO D 143 -0.75 22.20 28.04
N SER D 144 -1.20 23.06 27.12
CA SER D 144 -0.89 24.49 27.14
C SER D 144 0.45 24.82 27.77
N GLY D 151 -10.64 28.72 26.39
CA GLY D 151 -10.44 27.92 25.20
C GLY D 151 -10.36 26.43 25.48
N THR D 152 -9.95 25.67 24.48
CA THR D 152 -9.84 24.22 24.57
C THR D 152 -8.37 23.83 24.63
N ALA D 153 -8.04 22.91 25.54
CA ALA D 153 -6.67 22.46 25.75
C ALA D 153 -6.59 20.96 25.49
N ALA D 154 -5.50 20.54 24.85
CA ALA D 154 -5.27 19.14 24.53
C ALA D 154 -4.11 18.60 25.36
N LEU D 155 -4.17 17.30 25.65
CA LEU D 155 -3.17 16.64 26.48
C LEU D 155 -3.31 15.14 26.24
N GLY D 156 -2.28 14.41 26.62
CA GLY D 156 -2.31 12.97 26.46
C GLY D 156 -1.09 12.30 27.03
N CYS D 157 -0.87 11.07 26.58
CA CYS D 157 0.24 10.24 27.04
C CYS D 157 0.77 9.45 25.85
N LEU D 158 2.10 9.38 25.72
CA LEU D 158 2.74 8.66 24.63
C LEU D 158 3.21 7.30 25.16
N VAL D 159 2.55 6.24 24.73
CA VAL D 159 2.88 4.87 25.13
C VAL D 159 3.83 4.32 24.07
N LYS D 160 5.11 4.26 24.40
CA LYS D 160 6.17 4.06 23.43
C LYS D 160 7.04 2.87 23.80
N ASP D 161 7.58 2.22 22.76
CA ASP D 161 8.54 1.13 22.91
C ASP D 161 7.93 -0.03 23.70
N TYR D 162 6.93 -0.65 23.09
CA TYR D 162 6.31 -1.85 23.64
C TYR D 162 6.18 -2.90 22.54
N PHE D 163 6.22 -4.16 22.95
CA PHE D 163 6.18 -5.27 22.01
C PHE D 163 5.74 -6.51 22.76
N PRO D 164 4.83 -7.33 22.20
CA PRO D 164 4.11 -7.10 20.95
C PRO D 164 2.87 -6.25 21.17
N GLU D 165 1.98 -6.22 20.18
CA GLU D 165 0.65 -5.67 20.40
C GLU D 165 -0.15 -6.63 21.27
N PRO D 166 -1.23 -6.16 21.90
CA PRO D 166 -1.76 -4.80 21.94
C PRO D 166 -1.55 -4.12 23.29
N VAL D 167 -1.74 -2.80 23.34
CA VAL D 167 -1.87 -2.07 24.59
C VAL D 167 -3.14 -1.25 24.51
N THR D 168 -3.81 -1.09 25.64
CA THR D 168 -5.12 -0.45 25.70
C THR D 168 -5.06 0.72 26.67
N VAL D 169 -5.62 1.85 26.27
CA VAL D 169 -5.55 3.09 27.03
C VAL D 169 -6.96 3.57 27.34
N SER D 170 -7.20 3.90 28.61
CA SER D 170 -8.40 4.59 29.06
C SER D 170 -7.98 5.80 29.89
N TRP D 171 -8.94 6.66 30.19
CA TRP D 171 -8.70 7.87 30.97
C TRP D 171 -9.59 7.86 32.19
N ASN D 172 -9.00 8.09 33.37
CA ASN D 172 -9.72 7.97 34.64
C ASN D 172 -10.52 6.68 34.66
N SER D 173 -9.88 5.60 34.19
CA SER D 173 -10.51 4.28 34.12
C SER D 173 -11.84 4.34 33.38
N GLY D 174 -11.87 5.11 32.29
CA GLY D 174 -13.04 5.20 31.46
C GLY D 174 -14.08 6.21 31.88
N ALA D 175 -13.83 6.96 32.96
CA ALA D 175 -14.81 7.96 33.39
C ALA D 175 -14.94 9.08 32.37
N LEU D 176 -13.85 9.45 31.72
CA LEU D 176 -13.84 10.47 30.68
C LEU D 176 -13.75 9.78 29.32
N THR D 177 -14.79 9.96 28.50
CA THR D 177 -14.82 9.38 27.17
C THR D 177 -14.98 10.41 26.06
N SER D 178 -15.80 11.43 26.26
CA SER D 178 -15.96 12.47 25.25
C SER D 178 -14.65 13.22 25.07
N GLY D 179 -14.26 13.42 23.82
CA GLY D 179 -13.04 14.13 23.49
C GLY D 179 -11.79 13.28 23.49
N VAL D 180 -11.89 12.01 23.85
CA VAL D 180 -10.74 11.13 23.93
C VAL D 180 -10.50 10.51 22.56
N HIS D 181 -9.25 10.50 22.12
CA HIS D 181 -8.85 9.89 20.85
C HIS D 181 -7.62 9.03 21.11
N THR D 182 -7.80 7.71 21.19
CA THR D 182 -6.70 6.77 21.28
C THR D 182 -6.34 6.34 19.86
N PHE D 183 -5.13 6.63 19.45
CA PHE D 183 -4.75 6.45 18.05
C PHE D 183 -4.18 5.06 17.79
N PRO D 184 -4.24 4.60 16.54
CA PRO D 184 -3.62 3.31 16.21
C PRO D 184 -2.12 3.34 16.46
N ALA D 185 -1.59 2.18 16.85
CA ALA D 185 -0.17 2.04 17.07
C ALA D 185 0.61 2.20 15.76
N VAL D 186 1.89 2.54 15.90
CA VAL D 186 2.78 2.70 14.77
C VAL D 186 4.07 1.94 15.06
N LEU D 187 4.62 1.31 14.02
CA LEU D 187 5.86 0.56 14.15
C LEU D 187 7.05 1.49 13.98
N GLN D 188 8.00 1.42 14.90
CA GLN D 188 9.19 2.24 14.86
C GLN D 188 10.33 1.50 14.17
N SER D 189 11.43 2.22 13.97
CA SER D 189 12.61 1.59 13.38
C SER D 189 13.19 0.52 14.28
N SER D 190 13.14 0.72 15.60
CA SER D 190 13.65 -0.28 16.53
C SER D 190 12.96 -1.64 16.38
N GLY D 191 11.67 -1.64 16.03
CA GLY D 191 10.88 -2.85 15.97
C GLY D 191 9.80 -2.93 17.03
N LEU D 192 9.67 -1.91 17.87
CA LEU D 192 8.64 -1.83 18.89
C LEU D 192 7.59 -0.81 18.47
N TYR D 193 6.44 -0.90 19.10
CA TYR D 193 5.30 -0.04 18.77
C TYR D 193 5.26 1.19 19.68
N SER D 194 4.51 2.19 19.23
CA SER D 194 4.24 3.39 20.00
C SER D 194 2.90 3.93 19.54
N LEU D 195 2.12 4.46 20.48
CA LEU D 195 0.83 5.05 20.15
C LEU D 195 0.57 6.22 21.09
N SER D 196 -0.46 6.99 20.75
CA SER D 196 -0.83 8.18 21.49
C SER D 196 -2.30 8.11 21.90
N SER D 197 -2.60 8.65 23.07
CA SER D 197 -3.97 8.84 23.53
C SER D 197 -4.07 10.28 24.02
N VAL D 198 -5.07 11.00 23.52
CA VAL D 198 -5.23 12.42 23.82
C VAL D 198 -6.65 12.69 24.27
N VAL D 199 -6.82 13.86 24.88
CA VAL D 199 -8.12 14.34 25.34
C VAL D 199 -8.18 15.85 25.14
N THR D 200 -9.37 16.32 24.76
CA THR D 200 -9.72 17.70 24.57
C THR D 200 -10.48 18.12 25.80
N VAL D 201 -9.92 19.10 26.56
CA VAL D 201 -10.62 19.47 27.76
C VAL D 201 -10.79 20.98 27.87
N PRO D 202 -11.73 21.45 28.69
CA PRO D 202 -11.72 22.87 29.06
C PRO D 202 -10.46 23.22 29.85
N SER D 203 -9.82 24.33 29.49
CA SER D 203 -8.61 24.71 30.19
C SER D 203 -8.90 25.33 31.55
N SER D 204 -10.16 25.67 31.83
CA SER D 204 -10.55 26.04 33.18
C SER D 204 -10.49 24.83 34.11
N SER D 205 -10.53 23.62 33.56
CA SER D 205 -10.48 22.41 34.39
C SER D 205 -9.07 22.13 34.88
N LEU D 206 -8.06 22.61 34.15
CA LEU D 206 -6.68 22.21 34.46
C LEU D 206 -6.35 22.51 35.91
N GLY D 207 -6.82 23.65 36.42
CA GLY D 207 -6.54 24.02 37.79
C GLY D 207 -7.18 23.11 38.81
N THR D 208 -8.33 22.51 38.47
CA THR D 208 -9.11 21.75 39.42
C THR D 208 -9.01 20.24 39.20
N GLN D 209 -9.36 19.76 38.02
CA GLN D 209 -9.51 18.32 37.80
C GLN D 209 -8.18 17.66 37.49
N THR D 210 -8.05 16.43 37.96
CA THR D 210 -6.90 15.59 37.66
C THR D 210 -7.17 14.77 36.41
N TYR D 211 -6.11 14.53 35.64
CA TYR D 211 -6.18 13.69 34.44
C TYR D 211 -5.05 12.67 34.48
N ILE D 212 -5.40 11.39 34.54
CA ILE D 212 -4.44 10.30 34.71
C ILE D 212 -4.64 9.31 33.58
N CYS D 213 -3.54 8.90 32.95
CA CYS D 213 -3.56 8.01 31.80
C CYS D 213 -3.39 6.56 32.25
N ASN D 214 -4.39 5.73 31.94
CA ASN D 214 -4.37 4.32 32.29
C ASN D 214 -3.89 3.49 31.10
N VAL D 215 -2.90 2.64 31.34
CA VAL D 215 -2.25 1.86 30.29
C VAL D 215 -2.24 0.40 30.70
N ASN D 216 -2.56 -0.48 29.75
CA ASN D 216 -2.68 -1.92 30.00
C ASN D 216 -1.97 -2.69 28.90
N HIS D 217 -0.96 -3.50 29.27
CA HIS D 217 -0.23 -4.35 28.34
C HIS D 217 -0.19 -5.75 28.94
N LYS D 218 -1.11 -6.62 28.51
CA LYS D 218 -1.18 -7.95 29.03
C LYS D 218 0.07 -8.81 28.69
N PRO D 219 0.51 -8.80 27.42
CA PRO D 219 1.69 -9.65 27.10
C PRO D 219 2.84 -9.52 28.07
N SER D 220 3.06 -8.31 28.60
CA SER D 220 4.12 -8.06 29.55
C SER D 220 3.61 -7.88 30.97
N ASN D 221 2.35 -8.22 31.24
CA ASN D 221 1.72 -7.99 32.55
C ASN D 221 2.13 -6.66 33.16
N THR D 222 1.89 -5.59 32.41
CA THR D 222 2.14 -4.25 32.91
C THR D 222 0.86 -3.41 32.86
N LYS D 223 0.51 -2.80 33.99
CA LYS D 223 -0.58 -1.84 34.07
C LYS D 223 -0.09 -0.63 34.85
N VAL D 224 -0.21 0.55 34.24
CA VAL D 224 0.42 1.76 34.74
C VAL D 224 -0.58 2.91 34.68
N ASP D 225 -0.46 3.82 35.63
CA ASP D 225 -1.23 5.07 35.67
C ASP D 225 -0.27 6.23 35.78
N LYS D 226 -0.38 7.18 34.86
CA LYS D 226 0.46 8.38 34.83
C LYS D 226 -0.44 9.60 34.99
N LYS D 227 -0.17 10.43 35.99
CA LYS D 227 -0.90 11.66 36.19
C LYS D 227 -0.28 12.76 35.34
N VAL D 228 -1.12 13.45 34.56
CA VAL D 228 -0.67 14.45 33.61
C VAL D 228 -1.24 15.81 34.02
N GLU D 229 -0.36 16.76 34.32
CA GLU D 229 -0.72 18.13 34.62
C GLU D 229 0.11 19.05 33.76
N PRO D 230 -0.33 20.29 33.55
CA PRO D 230 0.28 21.14 32.53
C PRO D 230 1.77 21.41 32.76
N LYS D 231 2.36 22.06 31.76
CA LYS D 231 3.75 22.51 31.77
C LYS D 231 3.97 23.60 32.82
N THR E 6 7.89 -4.04 -1.41
CA THR E 6 7.16 -3.25 -2.41
C THR E 6 6.22 -2.26 -1.74
N GLN E 7 6.76 -1.13 -1.27
CA GLN E 7 5.95 -0.10 -0.61
C GLN E 7 6.17 1.25 -1.27
N SER E 8 5.06 1.95 -1.51
CA SER E 8 5.11 3.26 -2.15
C SER E 8 5.81 4.28 -1.27
N PRO E 9 6.63 5.16 -1.85
CA PRO E 9 7.43 6.08 -1.03
C PRO E 9 6.63 7.19 -0.37
N SER E 10 7.22 7.70 0.70
CA SER E 10 6.72 8.90 1.36
C SER E 10 6.85 10.10 0.42
N SER E 11 6.09 11.15 0.72
CA SER E 11 6.04 12.33 -0.13
C SER E 11 6.27 13.59 0.68
N LEU E 12 6.79 14.62 -0.01
CA LEU E 12 6.89 15.95 0.56
C LEU E 12 6.84 16.96 -0.57
N SER E 13 6.52 18.20 -0.21
CA SER E 13 6.37 19.27 -1.18
C SER E 13 7.27 20.43 -0.79
N ALA E 14 7.90 21.04 -1.79
CA ALA E 14 8.83 22.12 -1.53
C ALA E 14 9.05 22.93 -2.80
N SER E 15 9.26 24.23 -2.61
CA SER E 15 9.55 25.15 -3.68
C SER E 15 11.05 25.38 -3.78
N VAL E 16 11.48 25.90 -4.92
CA VAL E 16 12.89 26.20 -5.12
C VAL E 16 13.39 27.08 -3.99
N GLY E 17 14.57 26.73 -3.46
CA GLY E 17 15.22 27.51 -2.42
C GLY E 17 15.02 26.99 -1.01
N ASP E 18 14.06 26.09 -0.80
CA ASP E 18 13.79 25.59 0.54
C ASP E 18 14.84 24.55 0.95
N ARG E 19 15.05 24.44 2.26
CA ARG E 19 15.97 23.49 2.84
C ARG E 19 15.22 22.23 3.25
N VAL E 20 15.78 21.07 2.91
CA VAL E 20 15.13 19.79 3.16
C VAL E 20 16.16 18.83 3.74
N THR E 21 15.79 18.16 4.84
CA THR E 21 16.64 17.17 5.50
C THR E 21 15.90 15.84 5.52
N ILE E 22 16.33 14.91 4.66
CA ILE E 22 15.77 13.58 4.63
C ILE E 22 16.54 12.71 5.62
N THR E 23 15.81 11.96 6.44
CA THR E 23 16.40 11.11 7.47
C THR E 23 16.20 9.65 7.09
N CYS E 24 17.15 8.82 7.52
CA CYS E 24 17.07 7.38 7.32
C CYS E 24 17.61 6.69 8.56
N ARG E 25 16.93 5.64 8.99
CA ARG E 25 17.26 4.94 10.22
C ARG E 25 17.34 3.44 9.97
N ALA E 26 18.47 2.84 10.30
CA ALA E 26 18.63 1.40 10.37
C ALA E 26 18.55 0.96 11.82
N SER E 27 18.08 -0.26 12.05
CA SER E 27 17.76 -0.67 13.41
C SER E 27 18.94 -0.52 14.35
N GLN E 28 20.16 -0.70 13.86
CA GLN E 28 21.33 -0.74 14.74
C GLN E 28 22.45 0.17 14.27
N SER E 29 23.64 0.00 14.86
CA SER E 29 24.79 0.83 14.54
C SER E 29 25.41 0.34 13.24
N VAL E 30 25.29 1.14 12.19
CA VAL E 30 25.87 0.83 10.89
C VAL E 30 27.04 1.77 10.60
N SER E 31 27.83 2.11 11.63
CA SER E 31 29.08 2.81 11.43
C SER E 31 28.92 4.06 10.57
N SER E 32 29.63 4.10 9.44
CA SER E 32 29.53 5.19 8.48
C SER E 32 28.99 4.71 7.15
N ALA E 33 28.77 3.41 7.00
CA ALA E 33 28.45 2.80 5.71
C ALA E 33 26.97 3.03 5.39
N VAL E 34 26.65 4.29 5.09
CA VAL E 34 25.32 4.68 4.64
C VAL E 34 25.48 5.50 3.37
N ALA E 35 24.82 5.07 2.31
CA ALA E 35 24.89 5.71 1.00
C ALA E 35 23.52 6.25 0.62
N TRP E 36 23.52 7.36 -0.10
CA TRP E 36 22.31 8.06 -0.49
C TRP E 36 22.22 8.11 -2.01
N TYR E 37 21.02 7.89 -2.53
CA TYR E 37 20.80 7.80 -3.96
C TYR E 37 19.68 8.73 -4.38
N GLN E 38 19.68 9.07 -5.66
CA GLN E 38 18.62 9.86 -6.27
C GLN E 38 18.12 9.08 -7.48
N GLN E 39 16.80 8.97 -7.59
CA GLN E 39 16.17 8.23 -8.68
C GLN E 39 15.08 9.09 -9.30
N LYS E 40 15.12 9.20 -10.62
CA LYS E 40 14.05 9.89 -11.32
C LYS E 40 13.13 8.86 -11.97
N PRO E 41 11.86 9.21 -12.17
CA PRO E 41 10.83 8.19 -12.43
C PRO E 41 11.22 7.11 -13.43
N GLY E 42 11.05 5.85 -13.01
CA GLY E 42 11.28 4.71 -13.87
C GLY E 42 12.74 4.33 -14.04
N LYS E 43 13.60 5.32 -14.14
CA LYS E 43 14.99 5.11 -14.50
C LYS E 43 15.83 4.73 -13.27
N ALA E 44 17.09 4.38 -13.53
CA ALA E 44 17.92 3.81 -12.49
C ALA E 44 18.41 4.87 -11.50
N PRO E 45 18.73 4.44 -10.29
CA PRO E 45 19.25 5.37 -9.28
C PRO E 45 20.61 5.94 -9.63
N LYS E 46 20.98 6.98 -8.90
CA LYS E 46 22.27 7.65 -9.03
C LYS E 46 22.80 7.90 -7.63
N LEU E 47 24.08 7.58 -7.40
CA LEU E 47 24.67 7.69 -6.08
C LEU E 47 25.12 9.13 -5.81
N LEU E 48 24.70 9.66 -4.67
CA LEU E 48 25.11 11.00 -4.24
C LEU E 48 26.18 10.94 -3.16
N ILE E 49 25.89 10.26 -2.05
CA ILE E 49 26.78 10.20 -0.91
C ILE E 49 27.18 8.76 -0.67
N TYR E 50 28.41 8.57 -0.17
CA TYR E 50 28.91 7.25 0.19
C TYR E 50 29.75 7.42 1.46
N SER E 51 29.74 6.37 2.28
CA SER E 51 30.26 6.47 3.64
C SER E 51 29.70 7.70 4.35
N ALA E 52 28.37 7.80 4.37
CA ALA E 52 27.62 8.70 5.24
C ALA E 52 27.75 10.16 4.84
N SER E 53 28.98 10.63 4.66
CA SER E 53 29.26 12.05 4.44
C SER E 53 30.00 12.33 3.15
N SER E 54 30.76 11.38 2.62
CA SER E 54 31.61 11.67 1.48
C SER E 54 30.77 11.79 0.22
N LEU E 55 30.86 12.97 -0.40
CA LEU E 55 30.13 13.31 -1.62
C LEU E 55 30.81 12.71 -2.83
N TYR E 56 30.01 12.32 -3.81
CA TYR E 56 30.48 11.63 -5.00
C TYR E 56 30.78 12.61 -6.14
N SER E 57 31.53 12.12 -7.12
CA SER E 57 31.94 12.95 -8.24
C SER E 57 30.75 13.30 -9.12
N GLY E 58 30.57 14.60 -9.38
CA GLY E 58 29.50 15.09 -10.21
C GLY E 58 28.28 15.57 -9.46
N VAL E 59 28.23 15.34 -8.16
CA VAL E 59 27.10 15.77 -7.32
C VAL E 59 27.37 17.21 -6.90
N PRO E 60 26.40 18.12 -7.01
CA PRO E 60 26.71 19.54 -6.75
C PRO E 60 27.07 19.75 -5.28
N SER E 61 27.74 20.87 -5.03
CA SER E 61 28.06 21.32 -3.68
C SER E 61 26.89 21.17 -2.71
N ARG E 62 25.69 21.50 -3.16
CA ARG E 62 24.59 21.74 -2.21
C ARG E 62 24.07 20.46 -1.56
N PHE E 63 24.77 19.34 -1.70
CA PHE E 63 24.37 18.07 -1.12
C PHE E 63 25.32 17.70 0.01
N SER E 64 24.77 17.41 1.19
CA SER E 64 25.56 17.13 2.37
C SER E 64 24.89 16.00 3.16
N GLY E 65 25.73 15.11 3.71
CA GLY E 65 25.23 14.05 4.56
C GLY E 65 25.83 14.08 5.94
N GLY E 69 25.45 7.81 14.94
CA GLY E 69 24.57 6.94 15.70
C GLY E 69 23.73 6.03 14.83
N THR E 70 22.44 5.99 15.10
CA THR E 70 21.49 5.36 14.19
C THR E 70 20.74 6.36 13.32
N ASP E 71 20.96 7.66 13.49
CA ASP E 71 20.31 8.67 12.68
C ASP E 71 21.27 9.17 11.61
N PHE E 72 20.82 9.17 10.36
CA PHE E 72 21.64 9.61 9.25
C PHE E 72 20.86 10.55 8.35
N THR E 73 21.56 11.54 7.81
CA THR E 73 20.95 12.69 7.16
C THR E 73 21.46 12.86 5.74
N LEU E 74 20.56 13.29 4.85
CA LEU E 74 20.93 13.91 3.58
C LEU E 74 20.27 15.28 3.56
N THR E 75 21.05 16.32 3.27
CA THR E 75 20.55 17.69 3.29
C THR E 75 20.85 18.40 1.98
N ILE E 76 19.83 19.03 1.42
CA ILE E 76 19.98 19.95 0.29
C ILE E 76 19.83 21.36 0.83
N SER E 77 20.87 22.17 0.67
CA SER E 77 20.87 23.53 1.23
C SER E 77 19.83 24.40 0.55
N SER E 78 19.76 24.37 -0.77
CA SER E 78 18.87 25.24 -1.56
C SER E 78 18.31 24.41 -2.70
N LEU E 79 17.04 24.02 -2.57
CA LEU E 79 16.43 23.15 -3.57
C LEU E 79 16.39 23.85 -4.92
N GLN E 80 16.76 23.13 -5.96
CA GLN E 80 16.81 23.62 -7.33
C GLN E 80 15.90 22.76 -8.19
N PRO E 81 15.46 23.28 -9.34
CA PRO E 81 14.51 22.51 -10.16
C PRO E 81 14.96 21.10 -10.46
N GLU E 82 16.27 20.88 -10.59
CA GLU E 82 16.78 19.57 -10.97
C GLU E 82 16.55 18.52 -9.89
N ASP E 83 16.41 18.94 -8.63
CA ASP E 83 16.44 18.02 -7.51
C ASP E 83 15.10 17.33 -7.26
N PHE E 84 14.11 17.53 -8.12
CA PHE E 84 12.80 16.88 -7.96
C PHE E 84 12.94 15.41 -8.34
N ALA E 85 13.05 14.54 -7.34
CA ALA E 85 13.27 13.12 -7.58
C ALA E 85 13.13 12.37 -6.27
N THR E 86 13.02 11.05 -6.37
CA THR E 86 12.95 10.20 -5.19
C THR E 86 14.36 9.92 -4.67
N TYR E 87 14.52 10.03 -3.36
CA TYR E 87 15.82 9.84 -2.71
C TYR E 87 15.78 8.61 -1.82
N TYR E 88 16.85 7.82 -1.86
CA TYR E 88 16.93 6.59 -1.11
C TYR E 88 18.19 6.58 -0.25
N CYS E 89 18.15 5.76 0.79
CA CYS E 89 19.27 5.54 1.68
C CYS E 89 19.63 4.06 1.65
N GLN E 90 20.83 3.74 2.09
CA GLN E 90 21.23 2.33 2.13
C GLN E 90 22.12 2.04 3.32
N GLN E 91 22.09 0.79 3.76
CA GLN E 91 22.77 0.30 4.95
C GLN E 91 23.77 -0.75 4.51
N ALA E 92 25.06 -0.48 4.70
CA ALA E 92 26.11 -1.39 4.27
C ALA E 92 26.80 -2.01 5.48
N LEU E 97 23.47 -6.62 6.68
CA LEU E 97 23.30 -6.91 5.26
C LEU E 97 22.70 -5.68 4.58
N LEU E 98 22.98 -5.50 3.29
CA LEU E 98 22.50 -4.32 2.59
C LEU E 98 20.99 -4.36 2.40
N THR E 99 20.32 -3.30 2.83
CA THR E 99 18.89 -3.13 2.70
C THR E 99 18.63 -1.67 2.36
N PHE E 100 17.56 -1.42 1.60
CA PHE E 100 17.28 -0.08 1.13
C PHE E 100 16.11 0.54 1.91
N GLY E 101 16.25 1.82 2.21
CA GLY E 101 15.21 2.56 2.89
C GLY E 101 13.95 2.73 2.05
N GLN E 102 12.92 3.22 2.74
CA GLN E 102 11.60 3.39 2.11
C GLN E 102 11.68 4.28 0.88
N GLY E 103 12.40 5.39 0.98
CA GLY E 103 12.49 6.35 -0.10
C GLY E 103 11.57 7.53 0.11
N THR E 104 11.99 8.69 -0.41
CA THR E 104 11.24 9.93 -0.26
C THR E 104 11.29 10.69 -1.57
N LYS E 105 10.13 11.11 -2.05
CA LYS E 105 10.01 11.78 -3.35
C LYS E 105 9.75 13.28 -3.17
N VAL E 106 10.61 14.09 -3.77
CA VAL E 106 10.53 15.54 -3.73
C VAL E 106 9.54 15.99 -4.79
N GLU E 107 8.43 16.58 -4.35
CA GLU E 107 7.45 17.18 -5.25
C GLU E 107 7.68 18.68 -5.32
N ILE E 108 7.25 19.27 -6.43
CA ILE E 108 7.36 20.71 -6.67
C ILE E 108 6.06 21.37 -6.24
N LYS E 109 6.16 22.37 -5.36
CA LYS E 109 4.98 23.06 -4.88
C LYS E 109 4.43 23.97 -5.97
N ARG E 110 3.10 24.09 -6.02
CA ARG E 110 2.44 24.83 -7.09
C ARG E 110 1.05 25.22 -6.61
N THR E 111 0.57 26.36 -7.09
CA THR E 111 -0.77 26.82 -6.75
C THR E 111 -1.80 25.78 -7.16
N VAL E 112 -2.95 25.82 -6.51
CA VAL E 112 -3.96 24.79 -6.71
C VAL E 112 -4.57 24.92 -8.09
N ALA E 113 -4.88 23.77 -8.71
CA ALA E 113 -5.46 23.73 -10.03
C ALA E 113 -6.55 22.67 -10.04
N ALA E 114 -7.76 23.06 -10.45
CA ALA E 114 -8.87 22.13 -10.58
C ALA E 114 -8.72 21.29 -11.84
N PRO E 115 -9.24 20.06 -11.83
CA PRO E 115 -9.16 19.21 -13.03
C PRO E 115 -10.19 19.62 -14.07
N SER E 116 -10.01 19.09 -15.28
CA SER E 116 -10.97 19.20 -16.36
C SER E 116 -11.48 17.80 -16.66
N VAL E 117 -12.79 17.62 -16.58
CA VAL E 117 -13.40 16.30 -16.67
C VAL E 117 -13.86 16.03 -18.10
N PHE E 118 -13.57 14.83 -18.59
CA PHE E 118 -14.09 14.34 -19.85
C PHE E 118 -14.55 12.91 -19.65
N ILE E 119 -15.69 12.56 -20.24
CA ILE E 119 -16.24 11.21 -20.17
C ILE E 119 -16.30 10.65 -21.57
N PHE E 120 -15.85 9.41 -21.75
CA PHE E 120 -15.89 8.75 -23.05
C PHE E 120 -16.77 7.52 -22.99
N PRO E 121 -17.86 7.45 -23.75
CA PRO E 121 -18.63 6.22 -23.83
C PRO E 121 -17.74 5.07 -24.29
N PRO E 122 -18.18 3.84 -24.10
CA PRO E 122 -17.37 2.70 -24.56
C PRO E 122 -17.44 2.51 -26.06
N SER E 123 -16.33 2.03 -26.62
CA SER E 123 -16.28 1.60 -28.01
C SER E 123 -15.99 0.11 -28.15
N ASP E 124 -15.69 -0.58 -27.06
CA ASP E 124 -15.32 -1.99 -27.09
C ASP E 124 -16.49 -2.91 -26.76
N LEU E 125 -17.68 -2.61 -27.29
CA LEU E 125 -18.85 -3.42 -26.98
C LEU E 125 -18.81 -4.76 -27.71
N ARG E 126 -18.10 -4.84 -28.84
CA ARG E 126 -17.97 -6.13 -29.52
C ARG E 126 -17.04 -7.08 -28.78
N THR E 127 -16.37 -6.62 -27.73
CA THR E 127 -15.35 -7.35 -27.00
C THR E 127 -15.90 -8.19 -25.85
N GLY E 128 -17.21 -8.13 -25.58
CA GLY E 128 -17.80 -8.76 -24.42
C GLY E 128 -18.00 -7.87 -23.23
N THR E 129 -17.03 -7.02 -22.92
CA THR E 129 -17.13 -6.06 -21.83
C THR E 129 -17.25 -4.65 -22.39
N ALA E 130 -17.68 -3.72 -21.53
CA ALA E 130 -17.83 -2.32 -21.88
C ALA E 130 -17.00 -1.47 -20.91
N SER E 131 -16.12 -0.64 -21.46
CA SER E 131 -15.18 0.16 -20.69
C SER E 131 -15.48 1.65 -20.88
N VAL E 132 -15.82 2.33 -19.79
CA VAL E 132 -16.03 3.78 -19.79
C VAL E 132 -14.86 4.47 -19.11
N VAL E 133 -14.38 5.54 -19.72
CA VAL E 133 -13.20 6.26 -19.26
C VAL E 133 -13.61 7.66 -18.83
N CYS E 134 -13.10 8.09 -17.68
CA CYS E 134 -13.30 9.43 -17.16
C CYS E 134 -11.93 10.09 -17.01
N LEU E 135 -11.80 11.30 -17.54
CA LEU E 135 -10.51 11.95 -17.71
C LEU E 135 -10.40 13.12 -16.74
N LEU E 136 -9.45 13.05 -15.83
CA LEU E 136 -9.11 14.14 -14.93
C LEU E 136 -7.79 14.71 -15.45
N ASN E 137 -7.84 15.89 -16.06
CA ASN E 137 -6.69 16.42 -16.76
C ASN E 137 -6.12 17.58 -15.96
N ASN E 138 -4.83 17.48 -15.67
CA ASN E 138 -4.06 18.60 -15.11
C ASN E 138 -4.67 19.26 -13.88
N PHE E 139 -4.48 18.64 -12.72
CA PHE E 139 -4.95 19.18 -11.46
C PHE E 139 -3.80 19.20 -10.46
N TYR E 140 -3.90 20.08 -9.49
CA TYR E 140 -2.97 20.16 -8.36
C TYR E 140 -3.84 20.47 -7.14
N PRO E 141 -3.64 19.78 -6.01
CA PRO E 141 -2.62 18.77 -5.73
C PRO E 141 -2.99 17.38 -6.23
N ARG E 142 -2.18 16.40 -5.86
CA ARG E 142 -2.38 15.04 -6.37
C ARG E 142 -3.72 14.48 -5.92
N GLU E 143 -4.14 14.78 -4.69
CA GLU E 143 -5.33 14.15 -4.14
C GLU E 143 -6.56 14.49 -4.99
N ALA E 144 -7.18 13.46 -5.56
CA ALA E 144 -8.40 13.57 -6.33
C ALA E 144 -9.24 12.34 -6.06
N LYS E 145 -10.54 12.52 -5.93
CA LYS E 145 -11.47 11.42 -5.68
C LYS E 145 -12.48 11.35 -6.83
N VAL E 146 -12.42 10.26 -7.59
CA VAL E 146 -13.36 9.99 -8.67
C VAL E 146 -14.35 8.96 -8.14
N GLN E 147 -15.64 9.27 -8.28
CA GLN E 147 -16.71 8.39 -7.85
C GLN E 147 -17.56 8.05 -9.07
N TRP E 148 -18.02 6.80 -9.13
CA TRP E 148 -18.75 6.29 -10.27
C TRP E 148 -20.20 6.05 -9.91
N LYS E 149 -21.11 6.44 -10.80
CA LYS E 149 -22.53 6.27 -10.58
C LYS E 149 -23.18 5.65 -11.81
N VAL E 150 -24.09 4.72 -11.57
CA VAL E 150 -24.88 4.08 -12.63
C VAL E 150 -26.33 4.20 -12.18
N ASP E 151 -27.12 5.00 -12.89
CA ASP E 151 -28.48 5.32 -12.46
C ASP E 151 -28.45 5.95 -11.08
N ASN E 152 -27.50 6.87 -10.88
CA ASN E 152 -27.31 7.58 -9.61
C ASN E 152 -27.18 6.62 -8.43
N ALA E 153 -26.70 5.42 -8.71
CA ALA E 153 -26.30 4.46 -7.69
C ALA E 153 -24.77 4.40 -7.74
N LEU E 154 -24.12 4.81 -6.66
CA LEU E 154 -22.67 4.88 -6.70
C LEU E 154 -22.08 3.47 -6.79
N GLN E 155 -20.96 3.37 -7.50
CA GLN E 155 -20.39 2.10 -7.89
C GLN E 155 -19.03 1.91 -7.23
N SER E 156 -18.67 0.66 -7.00
CA SER E 156 -17.35 0.35 -6.50
C SER E 156 -16.95 -1.05 -6.95
N GLY E 157 -15.65 -1.22 -7.19
CA GLY E 157 -15.13 -2.49 -7.68
C GLY E 157 -14.86 -2.50 -9.18
N ASN E 158 -15.85 -2.06 -9.95
CA ASN E 158 -15.73 -2.06 -11.40
C ASN E 158 -14.72 -1.04 -11.94
N SER E 159 -13.84 -0.40 -11.17
CA SER E 159 -13.07 0.72 -11.66
C SER E 159 -11.62 0.61 -11.22
N GLN E 160 -10.73 1.10 -12.08
CA GLN E 160 -9.30 1.18 -11.80
C GLN E 160 -8.78 2.56 -12.18
N GLU E 161 -7.86 3.08 -11.37
CA GLU E 161 -7.29 4.40 -11.58
C GLU E 161 -5.82 4.31 -11.96
N SER E 162 -5.31 5.41 -12.49
CA SER E 162 -3.90 5.51 -12.85
C SER E 162 -3.53 6.98 -12.95
N VAL E 163 -2.36 7.34 -12.43
CA VAL E 163 -1.95 8.73 -12.29
C VAL E 163 -0.58 8.93 -12.93
N THR E 164 -0.38 10.14 -13.44
CA THR E 164 0.87 10.53 -14.09
C THR E 164 1.87 11.09 -13.09
N GLU E 165 3.14 11.08 -13.48
CA GLU E 165 4.15 11.84 -12.75
C GLU E 165 3.87 13.33 -12.88
N GLN E 166 4.38 14.10 -11.91
CA GLN E 166 4.23 15.55 -11.97
C GLN E 166 4.86 16.08 -13.25
N ASP E 167 4.09 16.84 -14.02
CA ASP E 167 4.62 17.41 -15.25
C ASP E 167 5.76 18.39 -14.96
N SER E 168 6.73 18.43 -15.86
CA SER E 168 7.83 19.39 -15.75
C SER E 168 7.43 20.78 -16.27
N LYS E 169 6.41 20.86 -17.12
CA LYS E 169 6.02 22.15 -17.70
C LYS E 169 5.27 22.97 -16.66
N ASP E 170 4.05 22.56 -16.33
CA ASP E 170 3.21 23.29 -15.38
C ASP E 170 3.05 22.55 -14.06
N SER E 171 3.78 21.45 -13.84
CA SER E 171 3.75 20.72 -12.58
C SER E 171 2.34 20.22 -12.27
N THR E 172 1.71 19.64 -13.29
CA THR E 172 0.34 19.15 -13.20
C THR E 172 0.32 17.67 -12.84
N TYR E 173 -0.87 17.20 -12.46
CA TYR E 173 -1.20 15.80 -12.32
C TYR E 173 -2.40 15.53 -13.21
N SER E 174 -2.46 14.33 -13.80
CA SER E 174 -3.66 13.89 -14.49
C SER E 174 -3.99 12.47 -14.05
N LEU E 175 -5.20 12.03 -14.37
CA LEU E 175 -5.71 10.77 -13.83
C LEU E 175 -6.70 10.17 -14.82
N SER E 176 -6.51 8.90 -15.14
CA SER E 176 -7.44 8.13 -15.94
C SER E 176 -8.13 7.08 -15.06
N SER E 177 -9.45 6.96 -15.22
CA SER E 177 -10.24 5.97 -14.50
C SER E 177 -11.14 5.25 -15.50
N THR E 178 -11.16 3.93 -15.42
CA THR E 178 -11.86 3.09 -16.39
C THR E 178 -12.86 2.19 -15.66
N LEU E 179 -14.14 2.39 -15.96
CA LEU E 179 -15.21 1.55 -15.46
C LEU E 179 -15.48 0.44 -16.47
N THR E 180 -15.26 -0.81 -16.06
CA THR E 180 -15.38 -1.96 -16.94
C THR E 180 -16.50 -2.87 -16.46
N LEU E 181 -17.40 -3.23 -17.36
CA LEU E 181 -18.52 -4.09 -17.02
C LEU E 181 -18.89 -4.98 -18.21
N SER E 182 -19.50 -6.12 -17.89
CA SER E 182 -20.03 -7.00 -18.93
C SER E 182 -21.08 -6.28 -19.76
N LYS E 183 -21.03 -6.49 -21.07
CA LYS E 183 -22.00 -5.85 -21.96
C LYS E 183 -23.43 -6.15 -21.51
N ALA E 184 -23.68 -7.37 -21.05
CA ALA E 184 -25.00 -7.70 -20.52
C ALA E 184 -25.46 -6.66 -19.52
N ASP E 185 -24.64 -6.43 -18.48
CA ASP E 185 -25.00 -5.47 -17.46
C ASP E 185 -25.01 -4.04 -18.01
N TYR E 186 -24.08 -3.72 -18.90
CA TYR E 186 -24.03 -2.36 -19.43
C TYR E 186 -25.34 -1.96 -20.09
N GLU E 187 -25.96 -2.86 -20.84
CA GLU E 187 -27.19 -2.55 -21.56
C GLU E 187 -28.44 -2.75 -20.69
N LYS E 188 -28.28 -2.79 -19.37
CA LYS E 188 -29.41 -2.80 -18.46
C LYS E 188 -29.70 -1.40 -17.91
N HIS E 189 -28.73 -0.51 -17.97
CA HIS E 189 -28.78 0.82 -17.39
C HIS E 189 -28.66 1.86 -18.50
N LYS E 190 -28.93 3.10 -18.15
CA LYS E 190 -28.89 4.19 -19.12
C LYS E 190 -27.91 5.30 -18.74
N VAL E 191 -27.82 5.64 -17.45
CA VAL E 191 -27.01 6.77 -17.00
C VAL E 191 -25.68 6.26 -16.49
N TYR E 192 -24.60 6.82 -17.01
CA TYR E 192 -23.25 6.51 -16.55
C TYR E 192 -22.53 7.85 -16.34
N ALA E 193 -22.02 8.06 -15.13
CA ALA E 193 -21.43 9.34 -14.78
C ALA E 193 -20.30 9.13 -13.78
N CYS E 194 -19.32 10.02 -13.85
CA CYS E 194 -18.21 10.06 -12.91
C CYS E 194 -18.24 11.40 -12.19
N GLU E 195 -18.40 11.36 -10.88
CA GLU E 195 -18.41 12.56 -10.04
C GLU E 195 -17.03 12.75 -9.45
N VAL E 196 -16.50 13.96 -9.56
CA VAL E 196 -15.11 14.25 -9.21
C VAL E 196 -15.09 15.22 -8.05
N THR E 197 -14.26 14.91 -7.05
CA THR E 197 -14.03 15.79 -5.90
C THR E 197 -12.59 16.28 -5.93
N HIS E 198 -12.41 17.59 -5.87
CA HIS E 198 -11.08 18.18 -5.80
C HIS E 198 -11.14 19.43 -4.94
N GLN E 199 -10.11 19.64 -4.13
CA GLN E 199 -10.01 20.86 -3.34
C GLN E 199 -10.30 22.10 -4.17
N GLY E 200 -9.72 22.16 -5.36
CA GLY E 200 -9.91 23.32 -6.22
C GLY E 200 -11.25 23.38 -6.91
N LEU E 201 -12.16 22.46 -6.60
CA LEU E 201 -13.50 22.46 -7.17
C LEU E 201 -14.46 22.85 -6.06
N SER E 202 -14.95 24.08 -6.12
CA SER E 202 -16.09 24.50 -5.31
C SER E 202 -17.13 23.39 -5.21
N SER E 203 -17.59 22.92 -6.37
CA SER E 203 -18.63 21.93 -6.51
C SER E 203 -18.07 20.62 -7.07
N PRO E 204 -18.55 19.47 -6.60
CA PRO E 204 -18.20 18.21 -7.29
C PRO E 204 -18.79 18.23 -8.69
N VAL E 205 -17.93 18.06 -9.69
CA VAL E 205 -18.36 18.15 -11.08
C VAL E 205 -18.75 16.76 -11.57
N THR E 206 -19.88 16.68 -12.26
CA THR E 206 -20.40 15.43 -12.78
C THR E 206 -20.47 15.51 -14.30
N LYS E 207 -19.70 14.66 -14.97
CA LYS E 207 -19.81 14.44 -16.40
C LYS E 207 -20.49 13.10 -16.61
N SER E 208 -21.42 13.06 -17.56
CA SER E 208 -22.31 11.93 -17.71
C SER E 208 -22.69 11.76 -19.18
N PHE E 209 -23.25 10.60 -19.49
CA PHE E 209 -23.86 10.35 -20.79
C PHE E 209 -25.01 9.38 -20.56
N ASN E 210 -25.99 9.44 -21.45
CA ASN E 210 -27.13 8.53 -21.41
C ASN E 210 -26.93 7.45 -22.46
N ARG E 211 -27.14 6.19 -22.10
CA ARG E 211 -26.94 5.13 -23.10
C ARG E 211 -27.89 5.30 -24.28
N GLY E 212 -27.37 5.10 -25.49
CA GLY E 212 -28.21 5.18 -26.69
C GLY E 212 -28.34 6.60 -27.19
N GLU E 213 -27.23 7.33 -27.27
CA GLU E 213 -27.07 8.72 -27.82
C GLU E 213 -28.11 9.73 -27.31
N CYS E 214 -28.58 9.61 -26.08
CA CYS E 214 -29.64 10.54 -25.62
C CYS E 214 -29.04 11.90 -25.26
N GLU F 4 34.61 3.70 -20.09
CA GLU F 4 33.35 3.73 -19.36
C GLU F 4 33.12 2.40 -18.63
N VAL F 5 32.26 2.44 -17.62
CA VAL F 5 31.84 1.25 -16.90
C VAL F 5 30.38 1.01 -17.28
N GLN F 6 30.11 -0.13 -17.90
CA GLN F 6 28.77 -0.49 -18.34
C GLN F 6 28.40 -1.85 -17.77
N LEU F 7 27.10 -2.03 -17.54
CA LEU F 7 26.55 -3.31 -17.10
C LEU F 7 25.34 -3.61 -17.97
N VAL F 8 25.42 -4.68 -18.74
CA VAL F 8 24.42 -5.01 -19.76
C VAL F 8 23.66 -6.23 -19.25
N GLU F 9 22.38 -6.04 -18.96
CA GLU F 9 21.57 -7.11 -18.41
C GLU F 9 20.80 -7.84 -19.51
N SER F 10 20.45 -9.08 -19.24
CA SER F 10 19.67 -9.90 -20.15
C SER F 10 19.08 -11.05 -19.35
N GLY F 11 18.23 -11.84 -20.01
CA GLY F 11 17.64 -13.00 -19.40
C GLY F 11 16.30 -12.77 -18.73
N GLY F 12 15.72 -11.59 -18.86
CA GLY F 12 14.42 -11.31 -18.29
C GLY F 12 13.33 -11.92 -19.14
N GLY F 13 12.13 -11.36 -18.98
CA GLY F 13 11.00 -11.81 -19.78
C GLY F 13 9.93 -12.51 -18.96
N LEU F 14 9.22 -13.44 -19.60
CA LEU F 14 8.10 -14.14 -19.00
C LEU F 14 8.53 -15.48 -18.41
N VAL F 15 7.74 -15.96 -17.46
CA VAL F 15 7.84 -17.34 -16.98
C VAL F 15 6.65 -17.61 -16.06
N GLN F 16 6.26 -18.87 -15.91
CA GLN F 16 5.13 -19.21 -15.08
C GLN F 16 5.51 -19.23 -13.60
N PRO F 17 4.54 -19.04 -12.71
CA PRO F 17 4.81 -19.20 -11.28
C PRO F 17 5.42 -20.57 -11.00
N GLY F 18 6.50 -20.57 -10.21
CA GLY F 18 7.26 -21.76 -9.96
C GLY F 18 8.31 -22.07 -11.01
N GLY F 19 8.29 -21.35 -12.13
CA GLY F 19 9.27 -21.53 -13.18
C GLY F 19 10.61 -20.96 -12.78
N SER F 20 11.49 -20.89 -13.78
CA SER F 20 12.87 -20.48 -13.55
C SER F 20 13.33 -19.54 -14.65
N LEU F 21 14.25 -18.65 -14.28
CA LEU F 21 14.80 -17.69 -15.21
C LEU F 21 16.16 -17.24 -14.69
N ARG F 22 17.13 -17.13 -15.60
CA ARG F 22 18.50 -16.78 -15.26
C ARG F 22 18.84 -15.45 -15.91
N LEU F 23 19.15 -14.46 -15.09
CA LEU F 23 19.58 -13.16 -15.58
C LEU F 23 21.10 -13.12 -15.69
N SER F 24 21.58 -12.27 -16.59
CA SER F 24 23.01 -12.04 -16.76
C SER F 24 23.28 -10.54 -16.64
N CYS F 25 24.47 -10.22 -16.17
CA CYS F 25 24.93 -8.82 -16.11
C CYS F 25 26.39 -8.82 -16.55
N ALA F 26 26.61 -8.62 -17.85
CA ALA F 26 27.96 -8.59 -18.42
C ALA F 26 28.63 -7.27 -18.11
N ALA F 27 29.79 -7.33 -17.45
CA ALA F 27 30.55 -6.14 -17.07
C ALA F 27 31.56 -5.79 -18.16
N SER F 28 31.84 -4.50 -18.26
CA SER F 28 32.77 -3.98 -19.26
C SER F 28 33.54 -2.80 -18.66
N GLY F 29 34.79 -2.67 -19.06
CA GLY F 29 35.64 -1.60 -18.57
C GLY F 29 36.39 -1.88 -17.28
N PHE F 30 36.06 -2.97 -16.60
CA PHE F 30 36.77 -3.38 -15.40
C PHE F 30 36.67 -4.89 -15.26
N ASN F 31 37.32 -5.43 -14.24
CA ASN F 31 37.28 -6.86 -13.92
C ASN F 31 36.60 -7.02 -12.56
N LEU F 32 35.48 -7.72 -12.54
CA LEU F 32 34.65 -7.80 -11.33
C LEU F 32 35.29 -8.55 -10.18
N SER F 33 36.54 -9.03 -10.31
CA SER F 33 37.21 -9.60 -9.14
C SER F 33 37.63 -8.51 -8.16
N SER F 34 37.94 -7.31 -8.66
CA SER F 34 38.19 -6.15 -7.81
C SER F 34 36.90 -5.59 -7.22
N SER F 35 35.74 -6.14 -7.60
CA SER F 35 34.45 -5.53 -7.32
C SER F 35 33.48 -6.57 -6.79
N SER F 36 32.46 -6.10 -6.08
CA SER F 36 31.28 -6.90 -5.79
C SER F 36 30.13 -6.36 -6.64
N ILE F 37 29.28 -7.26 -7.11
CA ILE F 37 28.12 -6.89 -7.92
C ILE F 37 26.86 -7.24 -7.15
N HIS F 38 25.91 -6.32 -7.15
CA HIS F 38 24.67 -6.45 -6.41
C HIS F 38 23.51 -6.49 -7.38
N TRP F 39 22.42 -7.13 -6.96
CA TRP F 39 21.18 -7.16 -7.71
C TRP F 39 20.10 -6.49 -6.87
N VAL F 40 19.40 -5.52 -7.46
CA VAL F 40 18.34 -4.78 -6.79
C VAL F 40 17.12 -4.75 -7.70
N ARG F 41 15.95 -4.98 -7.12
CA ARG F 41 14.71 -5.01 -7.88
C ARG F 41 13.76 -3.92 -7.37
N GLN F 42 12.69 -3.71 -8.13
CA GLN F 42 11.71 -2.69 -7.79
C GLN F 42 10.41 -2.99 -8.54
N ALA F 43 9.31 -3.08 -7.79
CA ALA F 43 8.00 -3.29 -8.38
C ALA F 43 7.39 -1.97 -8.82
N PRO F 44 6.49 -2.00 -9.80
CA PRO F 44 5.90 -0.75 -10.31
C PRO F 44 5.36 0.19 -9.25
N GLY F 45 5.99 1.35 -9.11
CA GLY F 45 5.51 2.42 -8.25
C GLY F 45 5.89 2.33 -6.79
N LYS F 46 6.62 1.30 -6.40
CA LYS F 46 7.02 1.07 -5.01
C LYS F 46 8.54 1.18 -4.92
N GLY F 47 9.08 0.92 -3.74
CA GLY F 47 10.47 1.23 -3.47
C GLY F 47 11.46 0.16 -3.90
N LEU F 48 12.73 0.44 -3.65
CA LEU F 48 13.82 -0.46 -4.01
C LEU F 48 14.00 -1.55 -2.96
N GLU F 49 14.41 -2.73 -3.43
CA GLU F 49 14.66 -3.86 -2.54
C GLU F 49 15.89 -4.61 -3.03
N TRP F 50 16.95 -4.62 -2.21
CA TRP F 50 18.13 -5.43 -2.51
C TRP F 50 17.79 -6.91 -2.35
N VAL F 51 18.40 -7.74 -3.20
CA VAL F 51 18.07 -9.16 -3.23
C VAL F 51 19.30 -10.03 -3.03
N ALA F 52 20.46 -9.58 -3.51
CA ALA F 52 21.63 -10.43 -3.40
C ALA F 52 22.91 -9.65 -3.65
N SER F 53 24.01 -10.29 -3.25
CA SER F 53 25.35 -9.73 -3.36
C SER F 53 26.31 -10.88 -3.54
N ILE F 54 27.32 -10.69 -4.40
CA ILE F 54 28.41 -11.65 -4.48
C ILE F 54 29.74 -10.91 -4.60
N TYR F 55 30.73 -11.37 -3.85
CA TYR F 55 32.09 -10.85 -3.90
C TYR F 55 32.97 -11.98 -4.44
N SER F 56 33.24 -11.97 -5.75
CA SER F 56 33.82 -13.16 -6.35
C SER F 56 35.22 -13.41 -5.84
N TYR F 57 35.96 -12.34 -5.48
CA TYR F 57 37.31 -12.56 -4.99
C TYR F 57 37.35 -12.98 -3.53
N TYR F 58 36.23 -12.96 -2.81
CA TYR F 58 36.18 -13.57 -1.48
C TYR F 58 35.13 -14.66 -1.41
N GLY F 59 34.58 -15.06 -2.55
CA GLY F 59 33.64 -16.17 -2.61
C GLY F 59 32.43 -15.96 -1.74
N SER F 60 32.23 -14.72 -1.28
CA SER F 60 31.11 -14.42 -0.40
C SER F 60 29.84 -14.20 -1.22
N THR F 61 28.72 -14.67 -0.68
CA THR F 61 27.40 -14.53 -1.27
C THR F 61 26.48 -14.01 -0.18
N SER F 62 25.43 -13.28 -0.59
CA SER F 62 24.41 -12.85 0.35
C SER F 62 23.09 -12.73 -0.40
N TYR F 63 22.01 -13.07 0.31
CA TYR F 63 20.69 -13.12 -0.29
C TYR F 63 19.68 -12.49 0.64
N ALA F 64 18.72 -11.76 0.06
CA ALA F 64 17.64 -11.19 0.85
C ALA F 64 16.80 -12.30 1.46
N ASP F 65 16.34 -12.07 2.69
CA ASP F 65 15.61 -13.09 3.44
C ASP F 65 14.50 -13.71 2.62
N SER F 66 13.74 -12.89 1.88
CA SER F 66 12.63 -13.38 1.06
C SER F 66 13.09 -14.07 -0.22
N VAL F 67 14.36 -14.48 -0.29
CA VAL F 67 14.93 -15.02 -1.51
C VAL F 67 15.81 -16.22 -1.18
N LYS F 68 16.12 -16.40 0.10
CA LYS F 68 17.04 -17.45 0.51
C LYS F 68 16.48 -18.82 0.15
N GLY F 69 17.32 -19.63 -0.50
CA GLY F 69 16.96 -20.98 -0.88
C GLY F 69 16.38 -21.12 -2.27
N ARG F 70 16.07 -20.01 -2.94
CA ARG F 70 15.45 -20.04 -4.26
C ARG F 70 16.29 -19.39 -5.35
N PHE F 71 17.08 -18.38 -5.02
CA PHE F 71 17.94 -17.70 -5.98
C PHE F 71 19.39 -18.09 -5.74
N THR F 72 20.21 -17.94 -6.77
CA THR F 72 21.64 -18.20 -6.67
C THR F 72 22.40 -17.24 -7.55
N ILE F 73 23.35 -16.52 -6.97
CA ILE F 73 24.15 -15.54 -7.70
C ILE F 73 25.53 -16.12 -7.97
N SER F 74 25.98 -15.99 -9.21
CA SER F 74 27.26 -16.54 -9.65
C SER F 74 28.06 -15.46 -10.38
N ALA F 75 29.34 -15.75 -10.57
CA ALA F 75 30.23 -14.85 -11.32
C ALA F 75 31.14 -15.69 -12.20
N ASP F 76 31.23 -15.32 -13.48
CA ASP F 76 32.11 -15.99 -14.42
C ASP F 76 33.30 -15.09 -14.75
N THR F 77 34.36 -15.29 -14.00
CA THR F 77 35.68 -14.74 -14.30
C THR F 77 35.90 -14.52 -15.80
N SER F 78 35.88 -15.63 -16.53
CA SER F 78 36.34 -15.65 -17.92
C SER F 78 35.55 -14.68 -18.79
N LYS F 79 34.26 -14.53 -18.53
CA LYS F 79 33.40 -13.66 -19.31
C LYS F 79 33.04 -12.37 -18.60
N ASN F 80 33.55 -12.13 -17.39
CA ASN F 80 33.28 -10.89 -16.66
C ASN F 80 31.77 -10.67 -16.51
N THR F 81 31.06 -11.72 -16.19
CA THR F 81 29.60 -11.70 -16.12
C THR F 81 29.15 -12.32 -14.81
N ALA F 82 28.29 -11.61 -14.08
CA ALA F 82 27.61 -12.13 -12.91
C ALA F 82 26.21 -12.58 -13.31
N TYR F 83 25.73 -13.64 -12.67
CA TYR F 83 24.42 -14.19 -12.95
C TYR F 83 23.59 -14.25 -11.68
N LEU F 84 22.27 -14.29 -11.86
CA LEU F 84 21.32 -14.51 -10.78
C LEU F 84 20.35 -15.59 -11.26
N GLN F 85 20.56 -16.82 -10.80
CA GLN F 85 19.69 -17.93 -11.17
C GLN F 85 18.47 -17.92 -10.25
N MET F 86 17.33 -17.52 -10.81
CA MET F 86 16.08 -17.41 -10.07
C MET F 86 15.22 -18.64 -10.30
N ASN F 87 14.77 -19.28 -9.22
CA ASN F 87 13.86 -20.40 -9.33
C ASN F 87 12.84 -20.37 -8.20
N SER F 88 11.89 -21.30 -8.27
CA SER F 88 10.69 -21.26 -7.42
C SER F 88 10.16 -19.83 -7.36
N LEU F 89 9.93 -19.26 -8.54
CA LEU F 89 9.48 -17.89 -8.67
C LEU F 89 8.01 -17.76 -8.30
N ARG F 90 7.66 -16.64 -7.66
CA ARG F 90 6.31 -16.39 -7.22
C ARG F 90 5.85 -15.04 -7.75
N ALA F 91 4.53 -14.86 -7.76
CA ALA F 91 3.96 -13.66 -8.39
C ALA F 91 4.48 -12.38 -7.75
N GLU F 92 5.07 -12.47 -6.56
CA GLU F 92 5.64 -11.31 -5.89
C GLU F 92 7.00 -10.91 -6.46
N ASP F 93 7.63 -11.78 -7.25
CA ASP F 93 8.94 -11.49 -7.81
C ASP F 93 8.87 -10.64 -9.07
N THR F 94 7.67 -10.35 -9.55
CA THR F 94 7.52 -9.53 -10.76
C THR F 94 8.04 -8.13 -10.48
N ALA F 95 9.22 -7.82 -11.02
CA ALA F 95 9.82 -6.50 -10.81
C ALA F 95 10.86 -6.28 -11.89
N VAL F 96 11.33 -5.04 -11.97
CA VAL F 96 12.46 -4.67 -12.83
C VAL F 96 13.73 -4.85 -12.00
N TYR F 97 14.63 -5.70 -12.47
CA TYR F 97 15.82 -6.07 -11.72
C TYR F 97 17.03 -5.33 -12.27
N TYR F 98 17.78 -4.69 -11.37
CA TYR F 98 18.99 -3.95 -11.72
C TYR F 98 20.19 -4.71 -11.18
N CYS F 99 21.20 -4.90 -12.03
CA CYS F 99 22.52 -5.31 -11.57
C CYS F 99 23.34 -4.05 -11.31
N ALA F 100 24.11 -4.07 -10.23
CA ALA F 100 24.88 -2.89 -9.83
C ALA F 100 26.19 -3.33 -9.19
N ARG F 101 27.18 -2.45 -9.29
CA ARG F 101 28.51 -2.69 -8.73
C ARG F 101 28.68 -1.91 -7.44
N GLU F 102 29.42 -2.51 -6.50
CA GLU F 102 29.84 -1.81 -5.30
C GLU F 102 31.35 -1.52 -5.33
N PRO F 113 36.25 2.21 5.22
CA PRO F 113 36.33 3.33 4.28
C PRO F 113 36.10 2.89 2.83
N ARG F 114 34.83 2.78 2.44
CA ARG F 114 34.47 2.37 1.09
C ARG F 114 33.23 3.13 0.62
N GLY F 116 28.73 2.07 -1.35
CA GLY F 116 27.83 2.73 -2.29
C GLY F 116 27.85 2.05 -3.64
N LEU F 117 26.69 2.03 -4.30
CA LEU F 117 26.55 1.39 -5.61
C LEU F 117 26.70 2.47 -6.67
N ASP F 118 27.91 2.57 -7.24
CA ASP F 118 28.23 3.68 -8.14
C ASP F 118 27.51 3.53 -9.46
N TYR F 119 27.49 2.32 -10.02
CA TYR F 119 26.98 2.10 -11.38
C TYR F 119 25.84 1.10 -11.36
N TRP F 120 24.87 1.33 -12.24
CA TRP F 120 23.67 0.53 -12.33
C TRP F 120 23.46 0.11 -13.79
N GLY F 121 23.00 -1.11 -13.98
CA GLY F 121 22.58 -1.55 -15.29
C GLY F 121 21.30 -0.91 -15.75
N GLN F 122 20.93 -1.30 -16.96
CA GLN F 122 19.74 -0.86 -17.66
C GLN F 122 18.43 -1.26 -16.99
N GLY F 123 18.45 -2.38 -16.30
CA GLY F 123 17.25 -2.99 -15.78
C GLY F 123 16.64 -3.91 -16.81
N THR F 124 15.99 -4.96 -16.32
CA THR F 124 15.33 -5.93 -17.17
C THR F 124 14.06 -6.40 -16.45
N LEU F 125 12.94 -6.39 -17.18
CA LEU F 125 11.65 -6.71 -16.61
C LEU F 125 11.46 -8.22 -16.47
N VAL F 126 10.97 -8.64 -15.31
CA VAL F 126 10.61 -10.02 -15.03
C VAL F 126 9.13 -10.06 -14.67
N THR F 127 8.38 -10.91 -15.37
CA THR F 127 6.93 -11.01 -15.19
C THR F 127 6.60 -12.47 -14.94
N VAL F 128 6.19 -12.78 -13.71
CA VAL F 128 5.73 -14.12 -13.34
C VAL F 128 4.21 -14.11 -13.37
N SER F 129 3.63 -15.00 -14.18
CA SER F 129 2.17 -15.16 -14.20
C SER F 129 1.82 -16.23 -15.23
N SER F 130 0.60 -16.77 -15.08
CA SER F 130 0.15 -17.81 -15.99
C SER F 130 -0.17 -17.24 -17.37
N ALA F 131 -0.78 -16.06 -17.43
CA ALA F 131 -1.24 -15.48 -18.69
C ALA F 131 -0.11 -15.45 -19.70
N SER F 132 -0.38 -15.87 -20.93
CA SER F 132 0.66 -15.82 -21.93
C SER F 132 0.63 -14.50 -22.69
N THR F 133 1.66 -14.29 -23.51
CA THR F 133 1.80 -13.07 -24.26
C THR F 133 0.61 -12.85 -25.19
N LYS F 134 0.21 -11.58 -25.32
CA LYS F 134 -0.96 -11.22 -26.11
C LYS F 134 -0.79 -9.78 -26.58
N GLY F 135 -0.99 -9.56 -27.87
CA GLY F 135 -0.93 -8.23 -28.44
C GLY F 135 -2.08 -7.37 -27.95
N PRO F 136 -1.85 -6.07 -27.82
CA PRO F 136 -2.89 -5.19 -27.29
C PRO F 136 -4.03 -5.00 -28.28
N SER F 137 -5.19 -4.64 -27.72
CA SER F 137 -6.31 -4.14 -28.49
C SER F 137 -6.40 -2.63 -28.29
N VAL F 138 -6.81 -1.94 -29.35
CA VAL F 138 -6.88 -0.49 -29.37
C VAL F 138 -8.32 -0.08 -29.63
N PHE F 139 -8.87 0.75 -28.76
CA PHE F 139 -10.26 1.20 -28.87
C PHE F 139 -10.27 2.72 -28.81
N PRO F 140 -11.01 3.38 -29.69
CA PRO F 140 -10.96 4.85 -29.72
C PRO F 140 -11.82 5.47 -28.63
N LEU F 141 -11.28 6.52 -28.03
CA LEU F 141 -12.03 7.39 -27.11
C LEU F 141 -12.41 8.61 -27.94
N ALA F 142 -13.61 8.57 -28.51
CA ALA F 142 -14.00 9.56 -29.50
C ALA F 142 -14.21 10.92 -28.84
N PRO F 143 -13.76 12.01 -29.48
CA PRO F 143 -13.96 13.34 -28.92
C PRO F 143 -15.34 13.91 -29.22
N SER F 144 -15.69 14.93 -28.44
CA SER F 144 -16.96 15.63 -28.61
C SER F 144 -16.91 16.63 -29.76
N SER F 149 -15.00 22.69 -34.67
CA SER F 149 -15.51 23.95 -34.14
C SER F 149 -15.72 23.86 -32.63
N GLY F 150 -15.24 24.87 -31.90
CA GLY F 150 -15.46 24.91 -30.46
C GLY F 150 -14.25 25.31 -29.64
N GLY F 151 -14.17 24.79 -28.42
CA GLY F 151 -13.11 25.13 -27.50
C GLY F 151 -12.06 24.05 -27.32
N THR F 152 -12.16 23.30 -26.23
CA THR F 152 -11.19 22.25 -25.92
C THR F 152 -11.82 20.89 -26.13
N ALA F 153 -11.08 20.01 -26.80
CA ALA F 153 -11.54 18.66 -27.09
C ALA F 153 -10.54 17.65 -26.55
N ALA F 154 -11.06 16.58 -25.96
CA ALA F 154 -10.24 15.48 -25.45
C ALA F 154 -10.49 14.23 -26.27
N LEU F 155 -9.46 13.41 -26.40
CA LEU F 155 -9.53 12.20 -27.19
C LEU F 155 -8.37 11.30 -26.83
N GLY F 156 -8.47 10.03 -27.20
CA GLY F 156 -7.39 9.11 -26.94
C GLY F 156 -7.67 7.73 -27.51
N CYS F 157 -6.92 6.75 -27.00
CA CYS F 157 -7.01 5.37 -27.42
C CYS F 157 -6.82 4.50 -26.19
N LEU F 158 -7.65 3.47 -26.06
CA LEU F 158 -7.58 2.56 -24.92
C LEU F 158 -6.79 1.33 -25.34
N VAL F 159 -5.61 1.17 -24.76
CA VAL F 159 -4.72 0.05 -25.07
C VAL F 159 -5.03 -1.04 -24.06
N LYS F 160 -5.77 -2.06 -24.50
CA LYS F 160 -6.41 -3.00 -23.60
C LYS F 160 -6.03 -4.42 -23.92
N ASP F 161 -5.95 -5.24 -22.87
CA ASP F 161 -5.73 -6.68 -22.97
C ASP F 161 -4.44 -6.99 -23.71
N TYR F 162 -3.33 -6.61 -23.07
CA TYR F 162 -2.00 -6.93 -23.56
C TYR F 162 -1.16 -7.48 -22.43
N PHE F 163 -0.21 -8.34 -22.77
CA PHE F 163 0.61 -8.99 -21.76
C PHE F 163 1.89 -9.48 -22.41
N PRO F 164 3.05 -9.31 -21.76
CA PRO F 164 3.25 -8.55 -20.51
C PRO F 164 3.45 -7.08 -20.82
N GLU F 165 3.90 -6.31 -19.85
CA GLU F 165 4.39 -4.97 -20.11
C GLU F 165 5.73 -5.05 -20.83
N PRO F 166 6.17 -3.96 -21.49
CA PRO F 166 5.45 -2.69 -21.61
C PRO F 166 4.86 -2.47 -22.99
N VAL F 167 3.96 -1.49 -23.09
CA VAL F 167 3.51 -0.96 -24.37
C VAL F 167 3.67 0.55 -24.32
N THR F 168 4.05 1.14 -25.45
CA THR F 168 4.37 2.57 -25.53
C THR F 168 3.52 3.20 -26.62
N VAL F 169 2.97 4.37 -26.30
CA VAL F 169 2.02 5.06 -27.17
C VAL F 169 2.61 6.40 -27.57
N SER F 170 2.53 6.71 -28.86
CA SER F 170 2.86 8.02 -29.39
C SER F 170 1.69 8.51 -30.22
N TRP F 171 1.72 9.80 -30.55
CA TRP F 171 0.67 10.43 -31.36
C TRP F 171 1.31 11.08 -32.57
N ASN F 172 0.77 10.77 -33.75
CA ASN F 172 1.34 11.25 -35.02
C ASN F 172 2.86 11.06 -35.05
N SER F 173 3.32 9.91 -34.57
CA SER F 173 4.75 9.58 -34.54
C SER F 173 5.55 10.68 -33.87
N GLY F 174 5.02 11.21 -32.77
CA GLY F 174 5.69 12.24 -32.01
C GLY F 174 5.45 13.65 -32.48
N ALA F 175 4.66 13.84 -33.54
CA ALA F 175 4.34 15.20 -33.97
C ALA F 175 3.48 15.91 -32.93
N LEU F 176 2.61 15.17 -32.24
CA LEU F 176 1.75 15.71 -31.20
C LEU F 176 2.35 15.31 -29.86
N THR F 177 2.82 16.31 -29.12
CA THR F 177 3.40 16.06 -27.80
C THR F 177 2.76 16.91 -26.71
N SER F 178 2.49 18.17 -26.98
CA SER F 178 1.87 19.04 -25.99
C SER F 178 0.46 18.55 -25.68
N GLY F 179 0.14 18.48 -24.39
CA GLY F 179 -1.17 18.07 -23.94
C GLY F 179 -1.39 16.58 -23.86
N VAL F 180 -0.44 15.77 -24.28
CA VAL F 180 -0.58 14.32 -24.30
C VAL F 180 -0.16 13.78 -22.94
N HIS F 181 -0.97 12.86 -22.40
CA HIS F 181 -0.71 12.21 -21.12
C HIS F 181 -0.91 10.71 -21.28
N THR F 182 0.18 9.96 -21.33
CA THR F 182 0.13 8.50 -21.35
C THR F 182 0.22 7.98 -19.91
N PHE F 183 -0.81 7.27 -19.49
CA PHE F 183 -0.90 6.87 -18.09
C PHE F 183 -0.23 5.52 -17.87
N PRO F 184 0.21 5.25 -16.64
CA PRO F 184 0.72 3.90 -16.34
C PRO F 184 -0.36 2.86 -16.54
N ALA F 185 0.06 1.68 -17.01
CA ALA F 185 -0.85 0.56 -17.16
C ALA F 185 -1.31 0.06 -15.79
N VAL F 186 -2.43 -0.65 -15.79
CA VAL F 186 -2.98 -1.26 -14.59
C VAL F 186 -3.32 -2.72 -14.89
N LEU F 187 -3.07 -3.59 -13.93
CA LEU F 187 -3.37 -5.01 -14.08
C LEU F 187 -4.83 -5.25 -13.70
N GLN F 188 -5.55 -5.94 -14.58
CA GLN F 188 -6.96 -6.21 -14.37
C GLN F 188 -7.17 -7.56 -13.67
N SER F 189 -8.42 -7.84 -13.32
CA SER F 189 -8.74 -9.12 -12.69
C SER F 189 -8.42 -10.27 -13.65
N SER F 190 -8.58 -10.00 -14.94
CA SER F 190 -8.33 -10.96 -16.02
C SER F 190 -6.91 -11.50 -16.02
N GLY F 191 -5.96 -10.68 -15.62
CA GLY F 191 -4.55 -10.99 -15.69
C GLY F 191 -3.83 -10.25 -16.78
N LEU F 192 -4.51 -9.41 -17.58
CA LEU F 192 -3.88 -8.64 -18.64
C LEU F 192 -3.82 -7.18 -18.25
N TYR F 193 -2.97 -6.43 -18.95
CA TYR F 193 -2.77 -5.02 -18.66
C TYR F 193 -3.66 -4.16 -19.56
N SER F 194 -3.85 -2.92 -19.14
CA SER F 194 -4.55 -1.94 -19.96
C SER F 194 -4.08 -0.55 -19.54
N LEU F 195 -3.93 0.34 -20.51
CA LEU F 195 -3.53 1.71 -20.22
C LEU F 195 -4.25 2.65 -21.19
N SER F 196 -4.15 3.94 -20.90
CA SER F 196 -4.81 4.97 -21.67
C SER F 196 -3.78 6.01 -22.11
N SER F 197 -3.96 6.54 -23.32
CA SER F 197 -3.21 7.72 -23.75
C SER F 197 -4.16 8.70 -24.40
N VAL F 198 -4.16 9.94 -23.92
CA VAL F 198 -5.08 10.97 -24.34
C VAL F 198 -4.29 12.22 -24.72
N VAL F 199 -4.98 13.12 -25.43
CA VAL F 199 -4.42 14.41 -25.81
C VAL F 199 -5.55 15.43 -25.75
N THR F 200 -5.24 16.63 -25.25
CA THR F 200 -6.16 17.75 -25.19
C THR F 200 -5.79 18.78 -26.25
N VAL F 201 -6.67 18.98 -27.21
CA VAL F 201 -6.40 19.91 -28.32
C VAL F 201 -7.57 20.87 -28.44
N PRO F 202 -7.38 21.97 -29.18
CA PRO F 202 -8.53 22.80 -29.56
C PRO F 202 -9.51 22.00 -30.40
N SER F 203 -10.80 22.12 -30.07
CA SER F 203 -11.84 21.37 -30.76
C SER F 203 -12.18 21.95 -32.12
N SER F 204 -11.70 23.17 -32.44
CA SER F 204 -11.82 23.66 -33.80
C SER F 204 -10.99 22.84 -34.77
N SER F 205 -10.01 22.09 -34.27
CA SER F 205 -9.17 21.28 -35.14
C SER F 205 -9.82 19.97 -35.55
N LEU F 206 -10.73 19.43 -34.74
CA LEU F 206 -11.21 18.06 -34.96
C LEU F 206 -11.80 17.87 -36.36
N GLY F 207 -12.50 18.88 -36.88
CA GLY F 207 -13.15 18.71 -38.16
C GLY F 207 -12.18 18.44 -39.29
N THR F 208 -10.98 18.99 -39.21
CA THR F 208 -9.98 18.89 -40.27
C THR F 208 -8.82 17.98 -39.88
N GLN F 209 -8.24 18.19 -38.71
CA GLN F 209 -6.97 17.57 -38.36
C GLN F 209 -7.17 16.12 -37.97
N THR F 210 -6.22 15.28 -38.39
CA THR F 210 -6.20 13.87 -38.04
C THR F 210 -5.36 13.68 -36.79
N TYR F 211 -5.77 12.73 -35.95
CA TYR F 211 -5.06 12.36 -34.74
C TYR F 211 -4.89 10.85 -34.74
N ILE F 212 -3.64 10.39 -34.71
CA ILE F 212 -3.31 8.99 -34.90
C ILE F 212 -2.59 8.48 -33.67
N CYS F 213 -3.08 7.35 -33.14
CA CYS F 213 -2.52 6.71 -31.95
C CYS F 213 -1.58 5.61 -32.39
N ASN F 214 -0.29 5.77 -32.08
CA ASN F 214 0.72 4.78 -32.40
C ASN F 214 1.00 3.92 -31.17
N VAL F 215 0.95 2.60 -31.34
CA VAL F 215 1.09 1.65 -30.25
C VAL F 215 2.17 0.64 -30.61
N ASN F 216 3.03 0.31 -29.65
CA ASN F 216 4.17 -0.56 -29.87
C ASN F 216 4.24 -1.60 -28.77
N HIS F 217 4.17 -2.88 -29.13
CA HIS F 217 4.31 -3.99 -28.18
C HIS F 217 5.28 -5.01 -28.77
N LYS F 218 6.54 -4.90 -28.36
CA LYS F 218 7.63 -5.74 -28.81
C LYS F 218 7.47 -7.19 -28.31
N PRO F 219 7.14 -7.42 -27.03
CA PRO F 219 6.97 -8.82 -26.59
C PRO F 219 6.14 -9.66 -27.54
N SER F 220 5.11 -9.06 -28.14
CA SER F 220 4.30 -9.69 -29.18
C SER F 220 4.59 -9.11 -30.54
N ASN F 221 5.60 -8.23 -30.61
CA ASN F 221 5.95 -7.40 -31.76
C ASN F 221 4.69 -6.94 -32.54
N THR F 222 3.91 -6.11 -31.88
CA THR F 222 2.71 -5.46 -32.40
C THR F 222 3.05 -3.98 -32.54
N LYS F 223 2.79 -3.45 -33.72
CA LYS F 223 2.93 -2.02 -34.00
C LYS F 223 1.66 -1.60 -34.73
N VAL F 224 0.96 -0.62 -34.16
CA VAL F 224 -0.39 -0.28 -34.59
C VAL F 224 -0.54 1.23 -34.66
N ASP F 225 -1.35 1.68 -35.61
CA ASP F 225 -1.76 3.08 -35.71
C ASP F 225 -3.28 3.09 -35.78
N LYS F 226 -3.91 3.81 -34.85
CA LYS F 226 -5.36 3.96 -34.82
C LYS F 226 -5.68 5.45 -34.99
N LYS F 227 -6.40 5.78 -36.06
CA LYS F 227 -6.86 7.14 -36.26
C LYS F 227 -8.21 7.30 -35.55
N VAL F 228 -8.36 8.40 -34.81
CA VAL F 228 -9.51 8.65 -33.95
C VAL F 228 -10.28 9.82 -34.55
N GLU F 229 -11.56 9.59 -34.83
CA GLU F 229 -12.41 10.62 -35.40
C GLU F 229 -13.64 10.87 -34.53
N PRO F 230 -14.25 12.05 -34.66
CA PRO F 230 -15.36 12.41 -33.76
C PRO F 230 -16.56 11.47 -33.90
N LYS F 231 -17.58 11.70 -33.08
CA LYS F 231 -18.82 10.95 -33.17
C LYS F 231 -19.49 11.23 -34.51
#